data_8WMH
#
_entry.id   8WMH
#
_cell.length_a   1.00
_cell.length_b   1.00
_cell.length_c   1.00
_cell.angle_alpha   90.00
_cell.angle_beta   90.00
_cell.angle_gamma   90.00
#
_symmetry.space_group_name_H-M   'P 1'
#
loop_
_entity.id
_entity.type
_entity.pdbx_description
1 polymer deadCbCas9
2 polymer sgRNA
3 polymer TS
4 polymer NTS
#
loop_
_entity_poly.entity_id
_entity_poly.type
_entity_poly.pdbx_seq_one_letter_code
_entity_poly.pdbx_strand_id
1 'polypeptide(L)'
;MIKNILGLALGTNSIGWALVKQDFENKQGEILGMGSRIIPMSQDILGDFGKGNSVSQTAERTKYRSVRRLRERFLLRRER
LHRVLYILNFLPEHYASQIDFEKRLGKFKVETEPKLVWKNTDGQFSFLFQNSFNEMLEDFKAAGQELKIPYDWTIYHLRK
KAISQKIEKEELAWILLNFNHKRGYYQLRGEDFEEEKDKTFVRLKVDRIVDSGENVKGKILYDVYFENGWKYDKQVVKTE
DWVDRTKEFIVSESILKNGETKRTFKAVDSEKDWIAIKTKTEQEIEHSHKTVGTYIYETLLQNPKQKIKGKLVRTIERKF
YKEELRQILEKQKEFHQELQSDDLYNDCIRELYRNNEVHQLTLRKKDFVHLFMEDIIFYQRPLRSQKSSVSNCTLEFRKY
KGENGAEHTQYLKAIPKSNPYYQEFRLWQWIFNLNLYTKDNDENVTKVFLNTTQDFENLFEFLNTRKEVDQKALLKHFKL
NEKTHRWNFVEDKKYPCNETKTMISSRLDKVENISDDFLTRDIEQKIWHIIYSVNDKVEYEKALKSFARKHHLDESSFFE
AFRKFPPFKSEYGSFSEKAIKKLLPLMRLGKYWNYAEIDKYSRERIQKIITGEYDENIKDKVREKSVHLTIENDFQGLQL
WLAQYIVYGRHSEASMIGKWNSANDLEVFLKDFKQHSLRNPIVEQVITETLRVVKDIWLKYGNGTKDFFNEIHIELGREM
KLPADDRKKLTNQITENENTNLRIKALLAEMMNDHSVENVRPFSPMQQEILKIYEDGVLKSDIEIEDDILKISKTAQPSS
SDLKRYKLWLEQKYKSPYTGQIIPLNKLFTPEYEIEAIIPQSRYFDDSFSNKIICESAVNKLKDNYIGLGFIKQFGGTII
ELGFGKSVKVFDTEEYEDFVKKHYANNRGKRNKLLMEDIPEKMIERQLNDTRYISKYISGILSNIVRVEDGSDEGVNSKN
IVPGNGKITTQLKQDWGLNDVWNDLILPRFERMNQLTNSKDFTAWNENHQKFLPTVPIEFSKGFSKKRIDHRHHALDALV
IACATTDHVNLLNNQSAKSDTKRYDLKKKLMKFEKVVYHHTQTGEKIEREIPKQFLKPWEKFTVDAKHNLESIIVSFKQN
LRVINKATNYYEKYVEKDGTKNKERVEQAGTNWAIRKPMHKDTVSGKVDLPWVKVPKGKILTATRKSLDSSFDLKSIGSI
TDTGIQKILKNYLAFKDGNPELAFSPEGIDDLNKNIEKYNDGKPHQPINKVRVFELGSKFQVGQTGNKKGKYVEAAKGTN
LFFAVYEDEKGKRSYETIPLNEVIERQKQGLTSVPLENEKGSRLLFDLSPNDLVYVPEIDENIDSNFVFSNLNKEKISRI
YKVEKTSGTECYFVRQDIAYLIKQYDAKTKIGELESQNKLQVTMTDDRIRITDTCVKINCDRLGNINFITKEKIKQIFNE
FR
;
A
2 'polyribonucleotide'
;GAGAAUGUCGGGGAGCCGAGGUUGUGAAUUGCUUUCAAAAAUUAUUGAGAAAUAAUUUUGAAAAGCAAUUCACAAUAAGG
AUUAUUCCGUUGUGAAAACAUUCAAGGCGGGGCAACUCGCCUUUUUU
;
O
3 'polydeoxyribonucleotide'
;(DC)(DG)(DT)(DT)(DT)(DT)(DG)(DT)(DC)(DT)(DC)(DG)(DG)(DC)(DG)(DA)(DT)(DA)(DA)(DT)
(DC)(DA)(DT)(DA)(DG)(DT)(DA)(DG)
;
C
4 'polydeoxyribonucleotide'
;(DC)(DT)(DA)(DC)(DT)(DA)(DT)(DG)(DA)(DT)(DT)(DA)(DT)(DC)(DT)(DA)(DA)(DT)(DC)(DT)
(DA)(DC)(DA)(DA)(DA)(DA)(DC)(DG)
;
E
#
# COMPACT_ATOMS: atom_id res chain seq x y z
N MET A 1 -10.69 -48.00 -3.01
CA MET A 1 -10.90 -48.88 -1.86
C MET A 1 -10.36 -48.27 -0.57
N ILE A 2 -9.18 -47.64 -0.63
CA ILE A 2 -8.68 -46.77 0.41
C ILE A 2 -8.16 -45.51 -0.26
N LYS A 3 -8.69 -44.35 0.17
CA LYS A 3 -8.40 -43.09 -0.47
C LYS A 3 -8.21 -42.01 0.58
N ASN A 4 -7.20 -41.17 0.39
CA ASN A 4 -6.88 -40.10 1.32
C ASN A 4 -7.35 -38.78 0.76
N ILE A 5 -8.16 -38.06 1.54
CA ILE A 5 -8.69 -36.75 1.15
C ILE A 5 -8.28 -35.74 2.22
N LEU A 6 -7.82 -34.58 1.78
CA LEU A 6 -7.47 -33.49 2.68
C LEU A 6 -8.29 -32.27 2.32
N GLY A 7 -8.72 -31.54 3.33
CA GLY A 7 -9.52 -30.34 3.14
C GLY A 7 -8.85 -29.14 3.79
N LEU A 8 -8.93 -28.01 3.11
CA LEU A 8 -8.36 -26.75 3.60
C LEU A 8 -9.44 -25.68 3.60
N ALA A 9 -9.74 -25.14 4.78
CA ALA A 9 -10.70 -24.05 4.91
C ALA A 9 -9.93 -22.73 5.05
N LEU A 10 -9.47 -22.24 3.91
CA LEU A 10 -8.71 -20.99 3.87
C LEU A 10 -9.56 -19.84 4.39
N GLY A 11 -8.98 -19.03 5.27
CA GLY A 11 -9.64 -17.86 5.78
C GLY A 11 -8.81 -16.60 5.57
N THR A 12 -9.35 -15.49 6.07
CA THR A 12 -8.63 -14.22 5.94
C THR A 12 -7.37 -14.21 6.81
N ASN A 13 -7.41 -14.86 7.97
CA ASN A 13 -6.22 -14.99 8.80
C ASN A 13 -6.12 -16.36 9.45
N SER A 14 -6.94 -17.32 9.04
CA SER A 14 -6.99 -18.64 9.65
C SER A 14 -6.84 -19.71 8.58
N ILE A 15 -6.36 -20.87 9.00
CA ILE A 15 -6.17 -22.01 8.12
C ILE A 15 -6.71 -23.23 8.84
N GLY A 16 -7.95 -23.62 8.53
CA GLY A 16 -8.52 -24.83 9.07
C GLY A 16 -8.19 -25.99 8.16
N TRP A 17 -7.73 -27.09 8.74
CA TRP A 17 -7.30 -28.24 7.96
C TRP A 17 -7.88 -29.51 8.54
N ALA A 18 -8.07 -30.49 7.66
CA ALA A 18 -8.57 -31.80 8.06
C ALA A 18 -8.07 -32.84 7.07
N LEU A 19 -8.07 -34.09 7.51
CA LEU A 19 -7.61 -35.19 6.67
C LEU A 19 -8.43 -36.43 6.99
N VAL A 20 -9.01 -37.03 5.95
CA VAL A 20 -9.88 -38.18 6.11
C VAL A 20 -9.41 -39.30 5.19
N LYS A 21 -9.72 -40.54 5.57
CA LYS A 21 -9.40 -41.72 4.78
C LYS A 21 -10.60 -42.66 4.87
N GLN A 22 -11.34 -42.78 3.77
CA GLN A 22 -12.61 -43.50 3.79
C GLN A 22 -12.64 -44.59 2.75
N ASP A 23 -13.37 -45.66 3.06
CA ASP A 23 -13.66 -46.75 2.15
C ASP A 23 -15.16 -46.66 1.87
N PHE A 24 -15.52 -46.02 0.76
CA PHE A 24 -16.92 -45.69 0.51
C PHE A 24 -17.74 -46.93 0.20
N GLU A 25 -17.15 -47.94 -0.44
CA GLU A 25 -17.92 -49.12 -0.80
C GLU A 25 -18.40 -49.90 0.42
N ASN A 26 -17.64 -49.85 1.51
CA ASN A 26 -18.02 -50.51 2.76
C ASN A 26 -18.61 -49.56 3.79
N LYS A 27 -18.89 -48.31 3.39
CA LYS A 27 -19.42 -47.30 4.30
C LYS A 27 -18.51 -47.10 5.51
N GLN A 28 -17.20 -47.12 5.27
CA GLN A 28 -16.21 -46.97 6.33
C GLN A 28 -15.38 -45.71 6.08
N GLY A 29 -14.81 -45.20 7.17
CA GLY A 29 -13.99 -44.01 7.09
C GLY A 29 -13.63 -43.52 8.47
N GLU A 30 -12.65 -42.62 8.50
CA GLU A 30 -12.16 -42.07 9.75
C GLU A 30 -11.44 -40.76 9.45
N ILE A 31 -11.24 -39.97 10.51
CA ILE A 31 -10.57 -38.68 10.42
C ILE A 31 -9.19 -38.83 11.03
N LEU A 32 -8.16 -38.65 10.21
CA LEU A 32 -6.80 -38.79 10.72
C LEU A 32 -6.42 -37.65 11.64
N GLY A 33 -6.79 -36.42 11.28
CA GLY A 33 -6.44 -35.29 12.09
C GLY A 33 -7.21 -34.06 11.69
N MET A 34 -7.32 -33.13 12.64
CA MET A 34 -7.97 -31.85 12.43
C MET A 34 -7.19 -30.80 13.20
N GLY A 35 -7.39 -29.55 12.81
CA GLY A 35 -6.72 -28.47 13.51
C GLY A 35 -7.05 -27.14 12.88
N SER A 36 -6.56 -26.09 13.53
CA SER A 36 -6.76 -24.73 13.06
C SER A 36 -5.52 -23.92 13.37
N ARG A 37 -4.92 -23.34 12.34
CA ARG A 37 -3.74 -22.51 12.49
C ARG A 37 -4.17 -21.05 12.32
N ILE A 38 -3.76 -20.21 13.27
CA ILE A 38 -4.20 -18.82 13.33
C ILE A 38 -3.00 -17.91 13.15
N ILE A 39 -3.09 -16.98 12.20
CA ILE A 39 -2.12 -15.90 12.05
C ILE A 39 -2.69 -14.67 12.74
N PRO A 40 -2.02 -14.12 13.74
CA PRO A 40 -2.62 -13.02 14.51
C PRO A 40 -2.86 -11.77 13.67
N MET A 41 -4.14 -11.45 13.49
CA MET A 41 -4.55 -10.22 12.80
C MET A 41 -5.70 -9.60 13.57
N SER A 42 -5.66 -8.27 13.70
CA SER A 42 -6.69 -7.57 14.46
C SER A 42 -7.96 -7.42 13.63
N GLN A 43 -9.05 -7.08 14.32
CA GLN A 43 -10.34 -6.91 13.66
C GLN A 43 -10.35 -5.71 12.73
N ASP A 44 -9.43 -4.76 12.90
CA ASP A 44 -9.38 -3.60 12.02
C ASP A 44 -9.13 -4.00 10.58
N ILE A 45 -8.16 -4.89 10.36
CA ILE A 45 -7.90 -5.39 9.00
C ILE A 45 -9.09 -6.18 8.48
N LEU A 46 -9.69 -7.00 9.34
CA LEU A 46 -10.80 -7.85 8.90
C LEU A 46 -12.02 -7.01 8.51
N GLY A 47 -12.16 -5.83 9.11
CA GLY A 47 -13.24 -4.94 8.73
C GLY A 47 -12.88 -3.95 7.65
N ASP A 48 -11.58 -3.76 7.38
CA ASP A 48 -11.16 -2.79 6.40
C ASP A 48 -10.87 -3.38 5.02
N PHE A 49 -10.48 -4.66 4.94
CA PHE A 49 -10.11 -5.21 3.64
C PHE A 49 -11.32 -5.34 2.72
N GLY A 50 -12.54 -5.39 3.26
CA GLY A 50 -13.72 -5.44 2.43
C GLY A 50 -13.90 -4.20 1.58
N LYS A 51 -13.61 -3.04 2.15
CA LYS A 51 -13.66 -1.77 1.43
C LYS A 51 -12.28 -1.32 0.95
N GLY A 52 -11.25 -1.49 1.77
CA GLY A 52 -9.90 -1.16 1.35
C GLY A 52 -9.44 0.21 1.79
N ASN A 53 -8.60 0.26 2.82
CA ASN A 53 -8.00 1.53 3.26
C ASN A 53 -6.61 1.22 3.83
N SER A 54 -5.60 1.30 2.96
CA SER A 54 -4.21 1.08 3.33
C SER A 54 -4.04 -0.21 4.13
N VAL A 55 -4.66 -1.28 3.65
CA VAL A 55 -4.68 -2.56 4.38
C VAL A 55 -3.43 -3.30 3.97
N SER A 56 -2.31 -2.94 4.61
CA SER A 56 -1.03 -3.61 4.42
C SER A 56 -0.01 -3.14 5.44
N GLN A 57 0.68 -4.08 6.10
CA GLN A 57 1.82 -3.71 6.93
C GLN A 57 2.93 -3.11 6.08
N THR A 58 3.14 -3.67 4.88
CA THR A 58 4.15 -3.14 3.98
C THR A 58 3.83 -1.71 3.59
N ALA A 59 2.55 -1.36 3.48
CA ALA A 59 2.19 0.01 3.16
C ALA A 59 2.61 0.98 4.26
N GLU A 60 2.37 0.61 5.52
CA GLU A 60 2.77 1.47 6.63
C GLU A 60 4.29 1.58 6.71
N ARG A 61 4.98 0.45 6.53
CA ARG A 61 6.44 0.49 6.52
C ARG A 61 6.97 1.37 5.40
N THR A 62 6.34 1.31 4.23
CA THR A 62 6.72 2.15 3.10
C THR A 62 6.48 3.62 3.40
N LYS A 63 5.37 3.93 4.08
CA LYS A 63 5.11 5.32 4.44
C LYS A 63 6.18 5.85 5.39
N TYR A 64 6.53 5.05 6.38
CA TYR A 64 7.61 5.45 7.29
C TYR A 64 8.92 5.63 6.52
N ARG A 65 9.23 4.71 5.61
CA ARG A 65 10.46 4.81 4.85
C ARG A 65 10.48 6.06 3.98
N SER A 66 9.34 6.41 3.39
CA SER A 66 9.27 7.61 2.55
C SER A 66 9.48 8.87 3.37
N VAL A 67 8.85 8.94 4.54
CA VAL A 67 9.08 10.10 5.41
C VAL A 67 10.55 10.19 5.78
N ARG A 68 11.14 9.07 6.18
CA ARG A 68 12.56 9.08 6.51
C ARG A 68 13.38 9.56 5.32
N ARG A 69 13.14 8.99 4.14
CA ARG A 69 13.94 9.33 2.97
C ARG A 69 13.89 10.82 2.67
N LEU A 70 12.72 11.43 2.82
CA LEU A 70 12.64 12.88 2.72
C LEU A 70 13.52 13.53 3.77
N ARG A 71 13.53 12.98 4.98
CA ARG A 71 14.34 13.58 6.04
C ARG A 71 15.83 13.51 5.72
N GLU A 72 16.34 12.34 5.33
CA GLU A 72 17.77 12.27 4.99
C GLU A 72 18.10 13.12 3.77
N ARG A 73 17.17 13.26 2.82
CA ARG A 73 17.50 14.13 1.69
C ARG A 73 17.58 15.60 2.10
N PHE A 74 16.70 16.05 2.98
CA PHE A 74 16.85 17.39 3.53
C PHE A 74 18.17 17.53 4.27
N LEU A 75 18.54 16.52 5.06
CA LEU A 75 19.79 16.59 5.81
C LEU A 75 21.00 16.62 4.90
N LEU A 76 20.96 15.85 3.81
CA LEU A 76 22.06 15.86 2.85
C LEU A 76 22.18 17.21 2.16
N ARG A 77 21.04 17.83 1.83
CA ARG A 77 21.09 19.18 1.28
C ARG A 77 21.74 20.14 2.27
N ARG A 78 21.38 20.02 3.55
CA ARG A 78 21.98 20.89 4.57
C ARG A 78 23.49 20.67 4.66
N GLU A 79 23.93 19.41 4.60
CA GLU A 79 25.36 19.12 4.67
C GLU A 79 26.11 19.69 3.48
N ARG A 80 25.54 19.56 2.28
CA ARG A 80 26.19 20.11 1.10
C ARG A 80 26.26 21.63 1.16
N LEU A 81 25.19 22.28 1.64
CA LEU A 81 25.24 23.72 1.86
C LEU A 81 26.32 24.09 2.86
N HIS A 82 26.45 23.31 3.94
CA HIS A 82 27.48 23.58 4.93
C HIS A 82 28.86 23.51 4.31
N ARG A 83 29.12 22.47 3.51
CA ARG A 83 30.43 22.32 2.89
C ARG A 83 30.72 23.48 1.93
N VAL A 84 29.75 23.82 1.09
CA VAL A 84 29.97 24.88 0.11
C VAL A 84 30.19 26.22 0.81
N LEU A 85 29.39 26.52 1.83
CA LEU A 85 29.53 27.79 2.52
C LEU A 85 30.81 27.85 3.34
N TYR A 86 31.28 26.72 3.86
CA TYR A 86 32.57 26.70 4.55
C TYR A 86 33.71 26.96 3.56
N ILE A 87 33.61 26.40 2.35
CA ILE A 87 34.61 26.72 1.34
C ILE A 87 34.56 28.19 0.98
N LEU A 88 33.36 28.75 0.89
CA LEU A 88 33.18 30.16 0.56
C LEU A 88 33.46 31.09 1.75
N ASN A 89 33.73 30.54 2.93
CA ASN A 89 33.94 31.33 4.14
C ASN A 89 32.73 32.19 4.47
N PHE A 90 31.56 31.55 4.52
CA PHE A 90 30.32 32.25 4.82
C PHE A 90 29.72 31.88 6.18
N LEU A 91 30.06 30.71 6.71
CA LEU A 91 29.56 30.33 8.03
C LEU A 91 30.27 31.13 9.12
N PRO A 92 29.57 31.45 10.20
CA PRO A 92 30.22 32.12 11.33
C PRO A 92 31.19 31.19 12.04
N GLU A 93 32.13 31.80 12.76
CA GLU A 93 33.20 31.04 13.39
C GLU A 93 32.67 30.03 14.41
N HIS A 94 31.76 30.48 15.28
CA HIS A 94 31.25 29.59 16.32
C HIS A 94 30.47 28.44 15.72
N TYR A 95 29.69 28.71 14.68
CA TYR A 95 28.90 27.66 14.03
C TYR A 95 29.80 26.71 13.25
N ALA A 96 30.81 27.25 12.56
CA ALA A 96 31.69 26.42 11.75
C ALA A 96 32.55 25.52 12.60
N SER A 97 33.01 26.01 13.77
CA SER A 97 33.90 25.22 14.61
C SER A 97 33.22 23.98 15.17
N GLN A 98 31.89 23.93 15.17
CA GLN A 98 31.16 22.78 15.66
C GLN A 98 30.66 21.89 14.54
N ILE A 99 31.15 22.09 13.32
CA ILE A 99 30.79 21.27 12.16
C ILE A 99 32.03 20.50 11.73
N ASP A 100 31.86 19.20 11.49
CA ASP A 100 32.97 18.34 11.09
C ASP A 100 33.23 18.49 9.60
N PHE A 101 34.45 18.90 9.24
CA PHE A 101 34.82 19.07 7.84
C PHE A 101 35.94 18.12 7.42
N GLU A 102 36.25 17.12 8.23
CA GLU A 102 37.34 16.19 7.93
C GLU A 102 36.89 14.74 7.87
N LYS A 103 36.03 14.30 8.79
CA LYS A 103 35.60 12.91 8.84
C LYS A 103 34.15 12.75 8.44
N ARG A 104 33.23 13.44 9.12
CA ARG A 104 31.81 13.45 8.76
C ARG A 104 31.51 14.83 8.19
N LEU A 105 31.71 14.96 6.88
CA LEU A 105 31.69 16.27 6.23
C LEU A 105 30.33 16.93 6.37
N GLY A 106 30.31 18.13 6.94
CA GLY A 106 29.11 18.92 7.04
C GLY A 106 28.19 18.57 8.20
N LYS A 107 28.49 17.52 8.96
CA LYS A 107 27.67 17.10 10.07
C LYS A 107 28.13 17.77 11.36
N PHE A 108 27.19 17.97 12.27
CA PHE A 108 27.53 18.55 13.57
C PHE A 108 28.32 17.55 14.40
N LYS A 109 29.26 18.07 15.19
CA LYS A 109 30.00 17.22 16.10
C LYS A 109 29.08 16.69 17.20
N VAL A 110 29.45 15.52 17.75
CA VAL A 110 28.56 14.83 18.66
C VAL A 110 28.31 15.66 19.92
N GLU A 111 27.11 15.51 20.48
CA GLU A 111 26.70 16.20 21.71
C GLU A 111 26.80 17.72 21.57
N THR A 112 26.46 18.22 20.38
CA THR A 112 26.42 19.65 20.12
C THR A 112 25.15 19.97 19.37
N GLU A 113 24.53 21.11 19.70
CA GLU A 113 23.36 21.63 19.01
C GLU A 113 23.60 23.10 18.68
N PRO A 114 24.48 23.40 17.74
CA PRO A 114 24.81 24.80 17.46
C PRO A 114 23.69 25.50 16.72
N LYS A 115 23.66 26.82 16.89
CA LYS A 115 22.72 27.68 16.19
C LYS A 115 23.51 28.74 15.44
N LEU A 116 23.10 28.99 14.19
CA LEU A 116 23.86 29.89 13.33
C LEU A 116 23.82 31.32 13.84
N VAL A 117 22.75 31.71 14.54
CA VAL A 117 22.57 33.10 14.95
C VAL A 117 22.73 33.30 16.45
N TRP A 118 22.75 32.23 17.24
CA TRP A 118 22.87 32.31 18.69
C TRP A 118 24.28 31.87 19.09
N LYS A 119 25.11 32.84 19.43
CA LYS A 119 26.50 32.58 19.82
C LYS A 119 26.55 32.32 21.32
N ASN A 120 27.03 31.13 21.69
CA ASN A 120 27.11 30.74 23.10
C ASN A 120 28.45 31.20 23.66
N THR A 121 28.42 32.26 24.44
CA THR A 121 29.62 32.77 25.12
C THR A 121 29.44 32.60 26.61
N ASP A 122 30.42 31.94 27.24
CA ASP A 122 30.53 31.73 28.69
C ASP A 122 29.17 31.60 29.38
N GLY A 123 28.31 30.78 28.80
CA GLY A 123 27.03 30.47 29.39
C GLY A 123 25.86 31.32 28.93
N GLN A 124 26.10 32.42 28.24
CA GLN A 124 25.02 33.31 27.78
C GLN A 124 24.95 33.28 26.26
N PHE A 125 23.74 33.34 25.73
CA PHE A 125 23.49 33.35 24.29
C PHE A 125 23.17 34.76 23.85
N SER A 126 23.80 35.19 22.75
CA SER A 126 23.59 36.52 22.21
C SER A 126 23.26 36.41 20.72
N PHE A 127 22.44 37.34 20.23
CA PHE A 127 22.07 37.32 18.83
C PHE A 127 23.24 37.81 17.97
N LEU A 128 23.44 37.14 16.83
CA LEU A 128 24.59 37.43 15.99
C LEU A 128 24.41 38.72 15.19
N PHE A 129 23.20 38.97 14.71
CA PHE A 129 22.93 40.11 13.83
C PHE A 129 22.10 41.14 14.59
N GLN A 130 22.80 42.00 15.34
CA GLN A 130 22.10 43.04 16.08
C GLN A 130 21.69 44.19 15.18
N ASN A 131 22.50 44.53 14.19
CA ASN A 131 22.21 45.67 13.32
C ASN A 131 20.95 45.42 12.50
N SER A 132 20.81 44.22 11.94
CA SER A 132 19.62 43.90 11.17
C SER A 132 18.37 43.93 12.04
N PHE A 133 18.47 43.42 13.26
CA PHE A 133 17.35 43.49 14.18
C PHE A 133 16.98 44.93 14.52
N ASN A 134 17.98 45.79 14.71
CA ASN A 134 17.69 47.19 14.96
C ASN A 134 16.97 47.82 13.78
N GLU A 135 17.43 47.54 12.56
CA GLU A 135 16.77 48.08 11.38
C GLU A 135 15.31 47.60 11.30
N MET A 136 15.08 46.33 11.59
CA MET A 136 13.71 45.85 11.67
C MET A 136 12.91 46.60 12.73
N LEU A 137 13.57 46.98 13.82
CA LEU A 137 12.88 47.72 14.88
C LEU A 137 12.44 49.09 14.39
N GLU A 138 13.30 49.83 13.70
CA GLU A 138 12.85 51.11 13.17
C GLU A 138 11.76 50.91 12.13
N ASP A 139 11.84 49.82 11.35
CA ASP A 139 10.78 49.53 10.40
C ASP A 139 9.44 49.33 11.10
N PHE A 140 9.44 48.55 12.18
CA PHE A 140 8.20 48.30 12.92
C PHE A 140 7.68 49.58 13.57
N LYS A 141 8.56 50.39 14.15
CA LYS A 141 8.08 51.61 14.79
C LYS A 141 7.57 52.62 13.77
N ALA A 142 8.13 52.61 12.55
CA ALA A 142 7.53 53.39 11.47
C ALA A 142 6.15 52.85 11.13
N ALA A 143 5.98 51.53 11.13
CA ALA A 143 4.65 50.95 11.04
C ALA A 143 3.81 51.24 12.28
N GLY A 144 4.41 51.70 13.37
CA GLY A 144 3.68 52.10 14.56
C GLY A 144 2.94 50.99 15.26
N GLN A 145 3.60 49.85 15.50
CA GLN A 145 2.97 48.72 16.15
C GLN A 145 3.53 48.48 17.56
N GLU A 146 4.81 48.18 17.68
CA GLU A 146 5.45 47.88 18.96
C GLU A 146 6.96 47.98 18.77
N LEU A 147 7.69 47.75 19.87
CA LEU A 147 9.15 47.71 19.82
C LEU A 147 9.71 46.47 20.49
N LYS A 148 8.87 45.52 20.90
CA LYS A 148 9.31 44.29 21.57
C LYS A 148 8.89 43.11 20.70
N ILE A 149 9.80 42.65 19.85
CA ILE A 149 9.53 41.55 18.92
C ILE A 149 10.66 40.53 19.04
N PRO A 150 10.39 39.28 18.69
CA PRO A 150 11.44 38.26 18.77
C PRO A 150 12.61 38.57 17.85
N TYR A 151 13.81 38.16 18.28
CA TYR A 151 15.00 38.35 17.47
C TYR A 151 14.91 37.59 16.15
N ASP A 152 14.36 36.40 16.18
CA ASP A 152 14.34 35.50 15.04
C ASP A 152 13.36 35.93 13.96
N TRP A 153 12.74 37.11 14.07
CA TRP A 153 11.98 37.67 12.96
C TRP A 153 12.86 38.34 11.94
N THR A 154 14.18 38.41 12.19
CA THR A 154 15.10 39.08 11.27
C THR A 154 15.23 38.34 9.95
N ILE A 155 14.87 37.05 9.90
CA ILE A 155 15.01 36.29 8.68
C ILE A 155 14.16 36.90 7.56
N TYR A 156 12.94 37.32 7.88
CA TYR A 156 12.07 37.91 6.87
C TYR A 156 12.50 39.32 6.49
N HIS A 157 12.99 40.09 7.46
CA HIS A 157 13.54 41.41 7.13
C HIS A 157 14.70 41.29 6.17
N LEU A 158 15.57 40.31 6.39
CA LEU A 158 16.69 40.11 5.47
C LEU A 158 16.22 39.60 4.12
N ARG A 159 15.21 38.72 4.11
CA ARG A 159 14.68 38.23 2.84
C ARG A 159 14.11 39.37 2.01
N LYS A 160 13.41 40.31 2.64
CA LYS A 160 12.93 41.48 1.89
C LYS A 160 14.09 42.39 1.50
N LYS A 161 15.07 42.57 2.40
CA LYS A 161 16.17 43.48 2.13
C LYS A 161 17.08 42.95 1.03
N ALA A 162 17.29 41.63 0.98
CA ALA A 162 18.26 41.06 0.05
C ALA A 162 17.86 41.25 -1.40
N ILE A 163 16.62 41.63 -1.68
CA ILE A 163 16.17 41.78 -3.06
C ILE A 163 16.90 42.92 -3.75
N SER A 164 17.21 43.99 -3.01
CA SER A 164 17.78 45.18 -3.63
C SER A 164 18.96 45.79 -2.88
N GLN A 165 19.37 45.24 -1.75
CA GLN A 165 20.48 45.79 -0.99
C GLN A 165 21.44 44.69 -0.57
N LYS A 166 22.64 45.11 -0.17
CA LYS A 166 23.67 44.18 0.25
C LYS A 166 23.40 43.71 1.68
N ILE A 167 23.61 42.42 1.92
CA ILE A 167 23.48 41.83 3.24
C ILE A 167 24.76 41.09 3.58
N GLU A 168 24.96 40.84 4.86
CA GLU A 168 26.15 40.15 5.32
C GLU A 168 26.15 38.69 4.87
N LYS A 169 27.34 38.15 4.63
CA LYS A 169 27.45 36.80 4.08
C LYS A 169 26.91 35.75 5.05
N GLU A 170 27.09 35.95 6.35
CA GLU A 170 26.48 35.03 7.32
C GLU A 170 24.96 35.09 7.24
N GLU A 171 24.40 36.29 7.08
CA GLU A 171 22.97 36.41 6.86
C GLU A 171 22.55 35.71 5.57
N LEU A 172 23.41 35.77 4.55
CA LEU A 172 23.11 35.08 3.30
C LEU A 172 23.07 33.57 3.51
N ALA A 173 24.00 33.05 4.31
CA ALA A 173 23.97 31.62 4.63
C ALA A 173 22.70 31.26 5.40
N TRP A 174 22.29 32.12 6.33
CA TRP A 174 21.04 31.90 7.05
C TRP A 174 19.86 31.84 6.09
N ILE A 175 19.82 32.78 5.13
CA ILE A 175 18.75 32.80 4.13
C ILE A 175 18.76 31.52 3.32
N LEU A 176 19.94 31.07 2.90
CA LEU A 176 20.04 29.89 2.07
C LEU A 176 19.54 28.65 2.80
N LEU A 177 19.95 28.49 4.06
CA LEU A 177 19.50 27.34 4.84
C LEU A 177 18.00 27.41 5.11
N ASN A 178 17.49 28.61 5.38
CA ASN A 178 16.05 28.77 5.57
C ASN A 178 15.28 28.37 4.32
N PHE A 179 15.79 28.77 3.15
CA PHE A 179 15.18 28.35 1.90
C PHE A 179 15.24 26.85 1.74
N ASN A 180 16.33 26.24 2.21
CA ASN A 180 16.42 24.78 2.17
C ASN A 180 15.34 24.14 3.05
N HIS A 181 14.95 24.80 4.14
CA HIS A 181 13.87 24.24 4.97
C HIS A 181 12.53 24.23 4.23
N LYS A 182 12.13 25.34 3.64
CA LYS A 182 10.82 25.48 3.02
C LYS A 182 11.00 25.64 1.52
N ARG A 183 10.52 24.66 0.75
CA ARG A 183 10.78 24.62 -0.68
C ARG A 183 9.56 24.89 -1.55
N GLY A 184 8.37 24.53 -1.11
CA GLY A 184 7.15 24.81 -1.85
C GLY A 184 6.68 23.62 -2.67
N TYR A 185 5.50 23.79 -3.27
CA TYR A 185 4.87 22.74 -4.05
C TYR A 185 5.36 22.78 -5.49
N TYR A 186 5.62 21.61 -6.05
CA TYR A 186 6.15 21.51 -7.40
C TYR A 186 5.73 20.18 -8.02
N GLN A 187 5.38 20.21 -9.29
CA GLN A 187 5.04 19.01 -10.05
C GLN A 187 6.18 18.73 -11.04
N LEU A 188 6.75 17.53 -10.96
CA LEU A 188 7.98 17.25 -11.69
C LEU A 188 7.75 17.19 -13.19
N ARG A 189 6.57 16.73 -13.61
CA ARG A 189 6.30 16.64 -15.04
C ARG A 189 6.33 18.01 -15.70
N GLY A 190 5.79 19.02 -15.03
CA GLY A 190 5.70 20.33 -15.62
C GLY A 190 4.60 20.40 -16.66
N GLU A 191 4.98 20.46 -17.93
CA GLU A 191 4.03 20.42 -19.04
C GLU A 191 2.93 21.47 -18.88
N ASP A 192 3.37 22.74 -18.97
CA ASP A 192 2.50 23.89 -18.80
C ASP A 192 1.16 23.68 -19.53
N PHE A 193 0.08 23.86 -18.78
CA PHE A 193 -1.26 23.58 -19.27
C PHE A 193 -1.73 24.73 -20.15
N GLU A 194 -3.04 24.77 -20.42
CA GLU A 194 -3.65 25.83 -21.22
C GLU A 194 -3.15 27.19 -20.78
N GLU A 195 -2.91 28.06 -21.77
CA GLU A 195 -2.28 29.35 -21.50
C GLU A 195 -3.09 30.19 -20.53
N GLU A 196 -4.42 30.11 -20.60
CA GLU A 196 -5.25 30.87 -19.66
C GLU A 196 -5.14 30.30 -18.25
N LYS A 197 -5.55 29.04 -18.07
CA LYS A 197 -5.57 28.35 -16.78
C LYS A 197 -6.03 29.29 -15.66
N ASP A 198 -7.22 29.87 -15.86
CA ASP A 198 -7.75 30.91 -14.99
C ASP A 198 -7.81 30.46 -13.54
N LYS A 199 -8.67 29.47 -13.25
CA LYS A 199 -8.77 28.87 -11.92
C LYS A 199 -8.85 29.92 -10.82
N THR A 200 -9.50 31.05 -11.11
CA THR A 200 -9.51 32.18 -10.20
C THR A 200 -10.40 31.91 -9.00
N PHE A 201 -9.94 32.32 -7.82
CA PHE A 201 -10.71 32.24 -6.59
C PHE A 201 -11.38 33.58 -6.34
N VAL A 202 -12.71 33.58 -6.28
CA VAL A 202 -13.48 34.82 -6.15
C VAL A 202 -14.55 34.65 -5.08
N ARG A 203 -15.11 35.78 -4.66
CA ARG A 203 -16.23 35.83 -3.72
C ARG A 203 -17.32 36.67 -4.36
N LEU A 204 -18.47 36.05 -4.64
CA LEU A 204 -19.57 36.71 -5.32
C LEU A 204 -20.86 36.54 -4.53
N LYS A 205 -21.79 37.47 -4.72
CA LYS A 205 -23.06 37.48 -4.03
C LYS A 205 -24.20 37.24 -5.01
N VAL A 206 -25.12 36.35 -4.63
CA VAL A 206 -26.26 35.99 -5.48
C VAL A 206 -27.29 37.10 -5.43
N ASP A 207 -27.74 37.55 -6.60
CA ASP A 207 -28.74 38.61 -6.69
C ASP A 207 -30.15 38.04 -6.88
N ARG A 208 -30.37 37.29 -7.97
CA ARG A 208 -31.72 36.85 -8.32
C ARG A 208 -31.70 35.38 -8.69
N ILE A 209 -32.87 34.75 -8.57
CA ILE A 209 -33.08 33.36 -8.98
C ILE A 209 -34.37 33.35 -9.81
N VAL A 210 -34.23 33.30 -11.12
CA VAL A 210 -35.35 33.37 -12.05
C VAL A 210 -35.66 31.96 -12.54
N ASP A 211 -36.92 31.56 -12.43
CA ASP A 211 -37.31 30.20 -12.83
C ASP A 211 -37.14 30.03 -14.33
N SER A 212 -36.60 28.87 -14.72
CA SER A 212 -36.32 28.57 -16.12
C SER A 212 -37.30 27.58 -16.72
N GLY A 213 -38.31 27.15 -15.97
CA GLY A 213 -39.31 26.24 -16.49
C GLY A 213 -38.80 24.88 -16.90
N GLU A 214 -37.99 24.25 -16.03
CA GLU A 214 -37.44 22.93 -16.27
C GLU A 214 -37.81 22.04 -15.09
N ASN A 215 -38.84 21.22 -15.25
CA ASN A 215 -39.35 20.38 -14.18
C ASN A 215 -38.66 19.02 -14.21
N VAL A 216 -37.96 18.69 -13.13
CA VAL A 216 -37.31 17.40 -12.96
C VAL A 216 -37.64 16.88 -11.56
N LYS A 217 -38.02 15.61 -11.48
CA LYS A 217 -38.33 14.93 -10.21
C LYS A 217 -39.41 15.71 -9.43
N GLY A 218 -40.45 16.10 -10.15
CA GLY A 218 -41.56 16.83 -9.52
C GLY A 218 -41.17 18.17 -8.95
N LYS A 219 -40.21 18.85 -9.58
CA LYS A 219 -39.81 20.18 -9.14
C LYS A 219 -39.16 20.90 -10.32
N ILE A 220 -39.52 22.18 -10.48
CA ILE A 220 -39.04 22.97 -11.59
C ILE A 220 -37.69 23.58 -11.21
N LEU A 221 -36.65 23.23 -11.96
CA LEU A 221 -35.31 23.65 -11.61
C LEU A 221 -35.11 25.14 -11.85
N TYR A 222 -34.23 25.75 -11.06
CA TYR A 222 -33.89 27.15 -11.19
C TYR A 222 -32.39 27.31 -11.44
N ASP A 223 -32.01 28.51 -11.84
CA ASP A 223 -30.60 28.86 -12.03
C ASP A 223 -30.23 29.99 -11.06
N VAL A 224 -28.99 30.46 -11.15
CA VAL A 224 -28.44 31.41 -10.20
C VAL A 224 -27.90 32.62 -10.96
N TYR A 225 -27.96 33.79 -10.33
CA TYR A 225 -27.44 35.04 -10.89
C TYR A 225 -26.45 35.66 -9.91
N PHE A 226 -25.41 36.28 -10.45
CA PHE A 226 -24.37 36.91 -9.65
C PHE A 226 -24.24 38.37 -10.02
N GLU A 227 -23.55 39.13 -9.16
CA GLU A 227 -23.49 40.58 -9.32
C GLU A 227 -22.66 40.99 -10.53
N ASN A 228 -21.58 40.25 -10.81
CA ASN A 228 -20.72 40.60 -11.93
C ASN A 228 -21.37 40.32 -13.29
N GLY A 229 -22.49 39.62 -13.30
CA GLY A 229 -23.13 39.22 -14.53
C GLY A 229 -22.85 37.80 -14.95
N TRP A 230 -22.54 36.91 -14.01
CA TRP A 230 -22.22 35.53 -14.31
C TRP A 230 -23.33 34.62 -13.83
N LYS A 231 -23.61 33.57 -14.60
CA LYS A 231 -24.66 32.61 -14.30
C LYS A 231 -24.01 31.31 -13.85
N TYR A 232 -24.51 30.74 -12.75
CA TYR A 232 -24.02 29.45 -12.30
C TYR A 232 -24.45 28.36 -13.26
N ASP A 233 -23.49 27.53 -13.69
CA ASP A 233 -23.74 26.62 -14.80
C ASP A 233 -24.81 25.58 -14.45
N LYS A 234 -24.75 25.02 -13.25
CA LYS A 234 -25.71 23.98 -12.89
C LYS A 234 -27.01 24.60 -12.39
N GLN A 235 -28.03 23.77 -12.27
CA GLN A 235 -29.34 24.21 -11.80
C GLN A 235 -29.38 24.19 -10.28
N VAL A 236 -30.25 25.02 -9.72
CA VAL A 236 -30.41 25.14 -8.27
C VAL A 236 -31.85 24.81 -7.91
N VAL A 237 -32.01 24.01 -6.86
CA VAL A 237 -33.33 23.62 -6.35
C VAL A 237 -33.59 24.23 -4.98
N LYS A 238 -32.72 23.95 -4.00
CA LYS A 238 -32.86 24.49 -2.66
C LYS A 238 -32.51 25.96 -2.68
N THR A 239 -33.52 26.82 -2.57
CA THR A 239 -33.30 28.26 -2.59
C THR A 239 -33.00 28.84 -1.21
N GLU A 240 -33.13 28.04 -0.15
CA GLU A 240 -32.90 28.57 1.19
C GLU A 240 -31.41 28.84 1.44
N ASP A 241 -30.53 28.03 0.87
CA ASP A 241 -29.09 28.17 1.09
C ASP A 241 -28.38 28.83 -0.09
N TRP A 242 -29.15 29.41 -1.03
CA TRP A 242 -28.57 30.04 -2.20
C TRP A 242 -28.92 31.50 -2.37
N VAL A 243 -29.98 31.99 -1.72
CA VAL A 243 -30.34 33.40 -1.83
C VAL A 243 -29.33 34.25 -1.06
N ASP A 244 -28.80 35.28 -1.73
CA ASP A 244 -27.81 36.24 -1.24
C ASP A 244 -26.79 35.62 -0.29
N ARG A 245 -26.25 34.46 -0.66
CA ARG A 245 -25.21 33.79 0.10
C ARG A 245 -23.88 34.00 -0.61
N THR A 246 -22.90 34.53 0.12
CA THR A 246 -21.60 34.85 -0.47
C THR A 246 -20.78 33.58 -0.53
N LYS A 247 -20.99 32.79 -1.58
CA LYS A 247 -20.18 31.60 -1.82
C LYS A 247 -18.89 31.98 -2.53
N GLU A 248 -17.86 31.16 -2.30
CA GLU A 248 -16.58 31.30 -2.97
C GLU A 248 -16.46 30.25 -4.06
N PHE A 249 -15.88 30.63 -5.19
CA PHE A 249 -15.81 29.76 -6.35
C PHE A 249 -14.42 29.73 -6.93
N ILE A 250 -14.06 28.58 -7.52
CA ILE A 250 -12.89 28.48 -8.38
C ILE A 250 -13.40 28.47 -9.82
N VAL A 251 -13.48 29.64 -10.43
CA VAL A 251 -14.03 29.74 -11.78
C VAL A 251 -12.94 29.48 -12.80
N SER A 252 -13.24 28.64 -13.78
CA SER A 252 -12.31 28.27 -14.84
C SER A 252 -12.81 28.81 -16.17
N GLU A 253 -11.89 29.28 -17.00
CA GLU A 253 -12.22 29.84 -18.30
C GLU A 253 -11.31 29.25 -19.37
N SER A 254 -11.83 29.19 -20.59
CA SER A 254 -11.07 28.70 -21.72
C SER A 254 -11.65 29.29 -23.00
N ILE A 255 -10.77 29.65 -23.94
CA ILE A 255 -11.20 30.19 -25.22
C ILE A 255 -11.47 29.02 -26.16
N LEU A 256 -12.71 28.91 -26.64
CA LEU A 256 -13.11 27.78 -27.47
C LEU A 256 -12.92 28.12 -28.94
N LYS A 257 -13.42 27.22 -29.81
CA LYS A 257 -13.29 27.43 -31.25
C LYS A 257 -14.04 28.67 -31.70
N ASN A 258 -15.24 28.90 -31.15
CA ASN A 258 -16.03 30.05 -31.55
C ASN A 258 -15.38 31.35 -31.12
N GLY A 259 -14.68 31.37 -30.00
CA GLY A 259 -13.99 32.56 -29.55
C GLY A 259 -14.61 33.23 -28.34
N GLU A 260 -15.13 32.42 -27.41
CA GLU A 260 -15.72 32.95 -26.18
C GLU A 260 -15.31 32.08 -25.01
N THR A 261 -15.42 32.64 -23.81
CA THR A 261 -14.95 31.98 -22.60
C THR A 261 -16.04 31.05 -22.07
N LYS A 262 -15.73 29.76 -22.03
CA LYS A 262 -16.62 28.75 -21.44
C LYS A 262 -16.34 28.75 -19.94
N ARG A 263 -17.06 29.61 -19.22
CA ARG A 263 -16.83 29.81 -17.79
C ARG A 263 -17.60 28.76 -17.00
N THR A 264 -16.87 27.88 -16.33
CA THR A 264 -17.45 26.89 -15.44
C THR A 264 -17.54 27.48 -14.03
N PHE A 265 -18.01 26.67 -13.09
CA PHE A 265 -18.10 27.10 -11.70
C PHE A 265 -17.78 25.93 -10.79
N LYS A 266 -17.25 26.25 -9.61
CA LYS A 266 -16.88 25.23 -8.63
C LYS A 266 -17.05 25.84 -7.24
N ALA A 267 -18.19 25.56 -6.62
CA ALA A 267 -18.45 26.07 -5.27
C ALA A 267 -17.45 25.46 -4.30
N VAL A 268 -16.76 26.30 -3.55
CA VAL A 268 -15.70 25.87 -2.65
C VAL A 268 -15.64 26.81 -1.45
N ASP A 269 -15.24 26.26 -0.31
CA ASP A 269 -15.04 27.04 0.90
C ASP A 269 -13.60 26.91 1.35
N SER A 270 -13.06 28.01 1.86
CA SER A 270 -11.66 28.05 2.25
C SER A 270 -11.43 27.34 3.57
N GLU A 271 -10.17 27.33 4.00
CA GLU A 271 -9.69 26.77 5.27
C GLU A 271 -10.17 25.33 5.51
N LYS A 272 -10.68 24.65 4.48
CA LYS A 272 -10.91 23.22 4.59
C LYS A 272 -10.46 22.49 3.33
N ASP A 273 -10.34 23.22 2.23
CA ASP A 273 -9.99 22.65 0.93
C ASP A 273 -8.61 23.14 0.52
N TRP A 274 -7.73 22.21 0.18
CA TRP A 274 -6.35 22.55 -0.14
C TRP A 274 -6.26 23.45 -1.36
N ILE A 275 -7.03 23.14 -2.40
CA ILE A 275 -6.95 23.91 -3.64
C ILE A 275 -7.36 25.36 -3.40
N ALA A 276 -8.45 25.57 -2.67
CA ALA A 276 -8.91 26.93 -2.41
C ALA A 276 -7.90 27.71 -1.58
N ILE A 277 -7.32 27.08 -0.56
CA ILE A 277 -6.33 27.76 0.28
C ILE A 277 -5.14 28.16 -0.56
N LYS A 278 -4.62 27.23 -1.37
CA LYS A 278 -3.46 27.52 -2.20
C LYS A 278 -3.74 28.63 -3.19
N THR A 279 -4.90 28.57 -3.85
CA THR A 279 -5.23 29.58 -4.86
C THR A 279 -5.41 30.96 -4.22
N LYS A 280 -6.07 31.01 -3.05
CA LYS A 280 -6.25 32.30 -2.39
C LYS A 280 -4.92 32.89 -1.95
N THR A 281 -4.04 32.06 -1.38
CA THR A 281 -2.74 32.56 -0.97
C THR A 281 -1.94 33.04 -2.17
N GLU A 282 -1.97 32.30 -3.27
CA GLU A 282 -1.23 32.70 -4.46
C GLU A 282 -1.78 34.00 -5.04
N GLN A 283 -3.10 34.16 -5.08
CA GLN A 283 -3.67 35.40 -5.56
C GLN A 283 -3.30 36.58 -4.68
N GLU A 284 -3.30 36.37 -3.35
CA GLU A 284 -2.91 37.44 -2.45
C GLU A 284 -1.45 37.82 -2.65
N ILE A 285 -0.58 36.83 -2.88
CA ILE A 285 0.82 37.12 -3.13
C ILE A 285 0.98 37.89 -4.45
N GLU A 286 0.28 37.45 -5.49
CA GLU A 286 0.50 38.01 -6.82
C GLU A 286 -0.06 39.43 -6.91
N HIS A 287 -1.25 39.67 -6.38
CA HIS A 287 -1.84 41.01 -6.46
C HIS A 287 -1.08 42.04 -5.64
N SER A 288 -0.21 41.61 -4.72
CA SER A 288 0.67 42.53 -4.02
C SER A 288 1.92 42.86 -4.82
N HIS A 289 2.17 42.16 -5.93
CA HIS A 289 3.33 42.40 -6.79
C HIS A 289 4.64 42.31 -6.01
N LYS A 290 4.73 41.33 -5.13
CA LYS A 290 5.88 41.16 -4.26
C LYS A 290 6.20 39.67 -4.10
N THR A 291 7.41 39.39 -3.67
CA THR A 291 7.83 38.03 -3.42
C THR A 291 7.13 37.49 -2.18
N VAL A 292 7.25 36.16 -1.98
CA VAL A 292 6.58 35.54 -0.85
C VAL A 292 7.17 36.04 0.47
N GLY A 293 8.49 36.20 0.53
CA GLY A 293 9.11 36.72 1.74
C GLY A 293 8.68 38.13 2.06
N THR A 294 8.63 38.99 1.05
CA THR A 294 8.18 40.36 1.26
C THR A 294 6.72 40.40 1.69
N TYR A 295 5.89 39.56 1.09
CA TYR A 295 4.48 39.51 1.47
C TYR A 295 4.32 39.06 2.92
N ILE A 296 5.09 38.05 3.33
CA ILE A 296 5.04 37.61 4.72
C ILE A 296 5.50 38.71 5.66
N TYR A 297 6.58 39.41 5.29
CA TYR A 297 7.08 40.48 6.14
C TYR A 297 6.06 41.60 6.31
N GLU A 298 5.41 42.01 5.22
CA GLU A 298 4.42 43.08 5.33
C GLU A 298 3.19 42.62 6.11
N THR A 299 2.75 41.38 5.88
CA THR A 299 1.62 40.86 6.65
C THR A 299 1.93 40.84 8.14
N LEU A 300 3.15 40.42 8.49
CA LEU A 300 3.56 40.39 9.89
C LEU A 300 3.69 41.79 10.44
N LEU A 301 4.07 42.76 9.60
CA LEU A 301 4.07 44.16 10.04
C LEU A 301 2.67 44.63 10.38
N GLN A 302 1.69 44.27 9.56
CA GLN A 302 0.33 44.74 9.80
C GLN A 302 -0.28 44.10 11.05
N ASN A 303 -0.10 42.79 11.20
CA ASN A 303 -0.65 42.05 12.35
C ASN A 303 0.48 41.27 13.01
N PRO A 304 1.11 41.84 14.04
CA PRO A 304 2.26 41.16 14.67
C PRO A 304 1.91 39.81 15.27
N LYS A 305 0.66 39.59 15.65
CA LYS A 305 0.26 38.32 16.25
C LYS A 305 -0.05 37.25 15.22
N GLN A 306 0.06 37.56 13.93
CA GLN A 306 -0.29 36.61 12.87
C GLN A 306 0.60 35.38 12.93
N LYS A 307 -0.04 34.21 12.85
CA LYS A 307 0.68 32.96 12.72
C LYS A 307 1.13 32.80 11.27
N ILE A 308 2.43 32.67 11.05
CA ILE A 308 2.96 32.57 9.70
C ILE A 308 2.95 31.12 9.25
N LYS A 309 3.76 30.30 9.93
CA LYS A 309 3.94 28.91 9.53
C LYS A 309 2.68 28.11 9.83
N GLY A 310 2.04 27.58 8.79
CA GLY A 310 0.86 26.76 8.95
C GLY A 310 -0.45 27.53 8.99
N LYS A 311 -0.40 28.85 9.04
CA LYS A 311 -1.62 29.66 8.95
C LYS A 311 -1.61 30.62 7.77
N LEU A 312 -0.56 31.45 7.64
CA LEU A 312 -0.58 32.47 6.61
C LEU A 312 -0.22 31.90 5.26
N VAL A 313 0.98 31.34 5.14
CA VAL A 313 1.45 30.73 3.91
C VAL A 313 1.64 29.24 4.21
N ARG A 314 0.71 28.41 3.75
CA ARG A 314 0.82 26.96 3.96
C ARG A 314 1.53 26.31 2.79
N THR A 315 0.90 26.33 1.62
CA THR A 315 1.42 25.66 0.44
C THR A 315 1.27 26.59 -0.75
N ILE A 316 2.40 26.95 -1.36
CA ILE A 316 2.42 27.77 -2.56
C ILE A 316 3.29 27.08 -3.60
N GLU A 317 3.26 27.61 -4.81
CA GLU A 317 4.06 27.04 -5.89
C GLU A 317 5.54 27.24 -5.60
N ARG A 318 6.34 26.23 -5.95
CA ARG A 318 7.79 26.33 -5.81
C ARG A 318 8.35 27.49 -6.61
N LYS A 319 7.66 27.90 -7.67
CA LYS A 319 8.17 28.99 -8.51
C LYS A 319 8.31 30.29 -7.73
N PHE A 320 7.45 30.53 -6.73
CA PHE A 320 7.58 31.73 -5.93
C PHE A 320 8.89 31.73 -5.15
N TYR A 321 9.19 30.62 -4.48
CA TYR A 321 10.45 30.51 -3.76
C TYR A 321 11.64 30.59 -4.70
N LYS A 322 11.53 29.95 -5.86
CA LYS A 322 12.63 29.98 -6.82
C LYS A 322 12.87 31.40 -7.34
N GLU A 323 11.81 32.15 -7.61
CA GLU A 323 11.97 33.53 -8.06
C GLU A 323 12.59 34.39 -6.96
N GLU A 324 12.15 34.21 -5.71
CA GLU A 324 12.72 34.99 -4.63
C GLU A 324 14.20 34.68 -4.44
N LEU A 325 14.55 33.39 -4.46
CA LEU A 325 15.94 33.01 -4.28
C LEU A 325 16.80 33.48 -5.45
N ARG A 326 16.29 33.38 -6.67
CA ARG A 326 17.03 33.86 -7.83
C ARG A 326 17.28 35.36 -7.73
N GLN A 327 16.26 36.12 -7.34
CA GLN A 327 16.45 37.56 -7.18
C GLN A 327 17.49 37.86 -6.11
N ILE A 328 17.41 37.18 -4.97
CA ILE A 328 18.35 37.40 -3.88
C ILE A 328 19.77 37.08 -4.34
N LEU A 329 19.95 35.94 -5.02
CA LEU A 329 21.27 35.52 -5.42
C LEU A 329 21.86 36.43 -6.48
N GLU A 330 21.06 36.80 -7.48
CA GLU A 330 21.57 37.70 -8.51
C GLU A 330 21.86 39.09 -7.95
N LYS A 331 21.14 39.52 -6.93
CA LYS A 331 21.45 40.81 -6.33
C LYS A 331 22.71 40.73 -5.47
N GLN A 332 22.88 39.65 -4.72
CA GLN A 332 24.03 39.53 -3.84
C GLN A 332 25.31 39.24 -4.61
N LYS A 333 25.19 38.64 -5.79
CA LYS A 333 26.35 38.39 -6.62
C LYS A 333 27.03 39.69 -7.04
N GLU A 334 26.27 40.77 -7.13
CA GLU A 334 26.84 42.05 -7.55
C GLU A 334 27.70 42.68 -6.46
N PHE A 335 27.56 42.25 -5.22
CA PHE A 335 28.27 42.85 -4.10
C PHE A 335 29.35 41.95 -3.50
N HIS A 336 29.09 40.65 -3.39
CA HIS A 336 30.03 39.72 -2.78
C HIS A 336 30.94 39.15 -3.87
N GLN A 337 32.21 39.57 -3.86
CA GLN A 337 33.15 39.12 -4.88
C GLN A 337 33.52 37.66 -4.73
N GLU A 338 33.19 37.02 -3.61
CA GLU A 338 33.40 35.58 -3.49
C GLU A 338 32.51 34.83 -4.47
N LEU A 339 31.31 35.33 -4.71
CA LEU A 339 30.38 34.69 -5.64
C LEU A 339 30.76 34.90 -7.09
N GLN A 340 31.69 35.81 -7.38
CA GLN A 340 32.18 36.03 -8.73
C GLN A 340 33.55 35.42 -8.96
N SER A 341 34.08 34.68 -7.99
CA SER A 341 35.41 34.10 -8.11
C SER A 341 35.33 32.75 -8.81
N ASP A 342 36.15 32.57 -9.85
CA ASP A 342 36.20 31.30 -10.56
C ASP A 342 36.98 30.25 -9.78
N ASP A 343 38.01 30.67 -9.04
CA ASP A 343 38.79 29.72 -8.25
C ASP A 343 37.95 29.12 -7.12
N LEU A 344 37.18 29.95 -6.42
CA LEU A 344 36.30 29.43 -5.38
C LEU A 344 35.23 28.52 -5.97
N TYR A 345 34.71 28.87 -7.15
CA TYR A 345 33.73 28.01 -7.80
C TYR A 345 34.35 26.67 -8.16
N ASN A 346 35.59 26.67 -8.65
CA ASN A 346 36.26 25.42 -8.96
C ASN A 346 36.52 24.60 -7.70
N ASP A 347 36.90 25.26 -6.60
CA ASP A 347 37.08 24.53 -5.35
C ASP A 347 35.79 23.89 -4.88
N CYS A 348 34.68 24.62 -4.96
CA CYS A 348 33.39 24.07 -4.55
C CYS A 348 33.00 22.90 -5.44
N ILE A 349 33.17 23.04 -6.76
CA ILE A 349 32.75 21.99 -7.67
C ILE A 349 33.61 20.75 -7.48
N ARG A 350 34.90 20.93 -7.19
CA ARG A 350 35.77 19.78 -6.94
C ARG A 350 35.41 19.10 -5.62
N GLU A 351 35.12 19.88 -4.58
CA GLU A 351 34.74 19.28 -3.31
C GLU A 351 33.45 18.47 -3.44
N LEU A 352 32.47 19.00 -4.16
CA LEU A 352 31.19 18.30 -4.25
C LEU A 352 31.28 17.08 -5.15
N TYR A 353 32.04 17.16 -6.24
CA TYR A 353 32.04 16.15 -7.29
C TYR A 353 33.47 15.78 -7.69
N ARG A 354 34.31 15.47 -6.70
CA ARG A 354 35.72 15.17 -6.98
C ARG A 354 35.88 13.97 -7.91
N ASN A 355 35.07 12.94 -7.75
CA ASN A 355 35.21 11.72 -8.53
C ASN A 355 34.33 11.69 -9.76
N ASN A 356 33.56 12.74 -10.02
CA ASN A 356 32.65 12.81 -11.16
C ASN A 356 33.15 13.93 -12.07
N GLU A 357 34.04 13.59 -13.00
CA GLU A 357 34.62 14.60 -13.88
C GLU A 357 33.61 15.15 -14.87
N VAL A 358 32.66 14.35 -15.32
CA VAL A 358 31.71 14.81 -16.32
C VAL A 358 30.78 15.87 -15.73
N HIS A 359 30.25 15.62 -14.53
CA HIS A 359 29.41 16.62 -13.89
C HIS A 359 30.20 17.88 -13.60
N GLN A 360 31.48 17.74 -13.26
CA GLN A 360 32.34 18.91 -13.08
C GLN A 360 32.44 19.72 -14.36
N LEU A 361 32.68 19.04 -15.49
CA LEU A 361 32.79 19.76 -16.75
C LEU A 361 31.46 20.39 -17.15
N THR A 362 30.35 19.75 -16.81
CA THR A 362 29.04 20.34 -17.06
C THR A 362 28.84 21.62 -16.26
N LEU A 363 29.09 21.56 -14.96
CA LEU A 363 28.86 22.71 -14.11
C LEU A 363 29.93 23.78 -14.25
N ARG A 364 31.05 23.50 -14.93
CA ARG A 364 32.07 24.51 -15.10
C ARG A 364 31.60 25.71 -15.90
N LYS A 365 30.56 25.54 -16.72
CA LYS A 365 30.04 26.63 -17.53
C LYS A 365 28.98 27.46 -16.80
N LYS A 366 28.58 27.06 -15.61
CA LYS A 366 27.57 27.76 -14.84
C LYS A 366 28.23 28.67 -13.81
N ASP A 367 27.42 29.27 -12.93
CA ASP A 367 27.93 30.11 -11.86
C ASP A 367 27.32 29.70 -10.54
N PHE A 368 27.56 30.49 -9.49
CA PHE A 368 27.10 30.11 -8.16
C PHE A 368 25.59 30.12 -8.04
N VAL A 369 24.90 30.93 -8.86
CA VAL A 369 23.45 30.97 -8.81
C VAL A 369 22.87 29.60 -9.17
N HIS A 370 23.37 29.02 -10.27
CA HIS A 370 22.91 27.71 -10.69
C HIS A 370 23.28 26.65 -9.68
N LEU A 371 24.46 26.78 -9.06
CA LEU A 371 24.90 25.78 -8.09
C LEU A 371 24.01 25.79 -6.85
N PHE A 372 23.78 26.97 -6.28
CA PHE A 372 22.97 27.04 -5.06
C PHE A 372 21.51 26.71 -5.35
N MET A 373 20.97 27.22 -6.45
CA MET A 373 19.54 27.13 -6.69
C MET A 373 19.16 25.87 -7.46
N GLU A 374 19.71 25.71 -8.67
CA GLU A 374 19.34 24.56 -9.50
C GLU A 374 20.02 23.27 -9.06
N ASP A 375 21.22 23.35 -8.48
CA ASP A 375 22.02 22.16 -8.25
C ASP A 375 21.86 21.59 -6.83
N ILE A 376 21.86 22.44 -5.81
CA ILE A 376 21.87 21.94 -4.44
C ILE A 376 20.48 22.00 -3.82
N ILE A 377 19.92 23.20 -3.70
CA ILE A 377 18.72 23.38 -2.88
C ILE A 377 17.50 22.80 -3.58
N PHE A 378 17.17 23.32 -4.75
CA PHE A 378 15.94 22.96 -5.44
C PHE A 378 16.12 21.78 -6.39
N TYR A 379 17.14 20.96 -6.19
CA TYR A 379 17.31 19.77 -7.01
C TYR A 379 16.30 18.71 -6.57
N GLN A 380 15.47 18.26 -7.52
CA GLN A 380 14.49 17.22 -7.26
C GLN A 380 14.78 16.03 -8.16
N ARG A 381 14.91 14.86 -7.55
CA ARG A 381 15.27 13.67 -8.29
C ARG A 381 14.12 13.23 -9.19
N PRO A 382 14.43 12.66 -10.36
CA PRO A 382 13.37 12.12 -11.21
C PRO A 382 12.79 10.85 -10.63
N LEU A 383 11.63 10.46 -11.16
CA LEU A 383 10.99 9.21 -10.74
C LEU A 383 11.93 8.04 -11.00
N ARG A 384 12.02 7.13 -10.03
CA ARG A 384 12.89 5.99 -10.17
C ARG A 384 12.44 5.09 -11.32
N SER A 385 13.42 4.57 -12.05
CA SER A 385 13.11 3.74 -13.22
C SER A 385 12.43 2.44 -12.79
N GLN A 386 11.44 2.03 -13.58
CA GLN A 386 10.71 0.80 -13.32
C GLN A 386 10.80 -0.19 -14.49
N LYS A 387 11.77 -0.02 -15.38
CA LYS A 387 11.91 -0.92 -16.51
C LYS A 387 12.34 -2.32 -16.11
N SER A 388 12.91 -2.47 -14.90
CA SER A 388 13.31 -3.79 -14.43
C SER A 388 12.11 -4.63 -14.02
N SER A 389 10.97 -4.01 -13.72
CA SER A 389 9.77 -4.72 -13.32
C SER A 389 8.85 -5.04 -14.48
N VAL A 390 9.24 -4.70 -15.72
CA VAL A 390 8.41 -4.97 -16.88
C VAL A 390 8.30 -6.48 -17.09
N SER A 391 7.11 -6.94 -17.46
CA SER A 391 6.88 -8.35 -17.71
C SER A 391 7.75 -8.84 -18.86
N ASN A 392 8.17 -10.09 -18.78
CA ASN A 392 9.08 -10.67 -19.75
C ASN A 392 8.32 -11.43 -20.84
N CYS A 393 8.99 -11.61 -21.97
CA CYS A 393 8.42 -12.39 -23.07
C CYS A 393 8.36 -13.86 -22.70
N THR A 394 7.28 -14.52 -23.11
CA THR A 394 7.07 -15.93 -22.78
C THR A 394 7.63 -16.88 -23.83
N LEU A 395 8.12 -16.38 -24.96
CA LEU A 395 8.59 -17.22 -26.06
C LEU A 395 10.09 -17.11 -26.29
N GLU A 396 10.61 -15.91 -26.53
CA GLU A 396 12.01 -15.73 -26.89
C GLU A 396 12.86 -15.68 -25.63
N PHE A 397 13.72 -16.69 -25.46
CA PHE A 397 14.61 -16.81 -24.32
C PHE A 397 16.05 -16.78 -24.77
N ARG A 398 16.91 -16.18 -23.95
CA ARG A 398 18.35 -16.13 -24.20
C ARG A 398 19.06 -16.86 -23.09
N LYS A 399 19.97 -17.77 -23.47
CA LYS A 399 20.69 -18.60 -22.52
C LYS A 399 22.16 -18.20 -22.49
N TYR A 400 22.75 -18.20 -21.30
CA TYR A 400 24.14 -17.83 -21.15
C TYR A 400 24.73 -18.54 -19.92
N LYS A 401 26.06 -18.56 -19.87
CA LYS A 401 26.79 -19.18 -18.77
C LYS A 401 27.47 -18.10 -17.95
N GLY A 402 27.27 -18.15 -16.63
CA GLY A 402 27.88 -17.21 -15.72
C GLY A 402 29.24 -17.67 -15.23
N GLU A 403 29.77 -16.92 -14.27
CA GLU A 403 31.07 -17.24 -13.68
C GLU A 403 31.02 -18.44 -12.76
N ASN A 404 29.83 -18.95 -12.43
CA ASN A 404 29.68 -20.08 -11.53
C ASN A 404 29.67 -21.43 -12.25
N GLY A 405 29.93 -21.43 -13.56
CA GLY A 405 29.89 -22.66 -14.33
C GLY A 405 28.52 -23.28 -14.45
N ALA A 406 27.48 -22.46 -14.54
CA ALA A 406 26.11 -22.90 -14.74
C ALA A 406 25.59 -22.30 -16.04
N GLU A 407 24.29 -22.50 -16.30
CA GLU A 407 23.66 -21.95 -17.50
C GLU A 407 22.20 -21.66 -17.17
N HIS A 408 21.88 -20.39 -16.93
CA HIS A 408 20.51 -19.95 -16.72
C HIS A 408 20.09 -19.04 -17.87
N THR A 409 18.80 -18.73 -17.90
CA THR A 409 18.18 -18.05 -19.02
C THR A 409 17.90 -16.60 -18.67
N GLN A 410 18.27 -15.70 -19.57
CA GLN A 410 17.95 -14.31 -19.39
C GLN A 410 16.65 -14.04 -20.14
N TYR A 411 15.67 -13.45 -19.47
CA TYR A 411 14.38 -13.17 -20.07
C TYR A 411 14.43 -11.89 -20.89
N LEU A 412 13.53 -11.80 -21.86
CA LEU A 412 13.41 -10.63 -22.73
C LEU A 412 12.18 -9.84 -22.36
N LYS A 413 12.35 -8.54 -22.15
CA LYS A 413 11.24 -7.70 -21.74
C LYS A 413 10.19 -7.60 -22.83
N ALA A 414 8.93 -7.49 -22.40
CA ALA A 414 7.81 -7.44 -23.34
C ALA A 414 7.84 -6.15 -24.15
N ILE A 415 7.42 -6.27 -25.40
CA ILE A 415 7.36 -5.10 -26.29
C ILE A 415 6.24 -4.18 -25.81
N PRO A 416 6.43 -2.85 -25.84
CA PRO A 416 5.31 -1.95 -25.55
C PRO A 416 4.19 -2.11 -26.56
N LYS A 417 2.95 -1.98 -26.08
CA LYS A 417 1.79 -2.10 -26.96
C LYS A 417 1.75 -1.02 -28.02
N SER A 418 2.38 0.12 -27.78
CA SER A 418 2.33 1.24 -28.71
C SER A 418 3.50 1.27 -29.67
N ASN A 419 4.39 0.29 -29.62
CA ASN A 419 5.48 0.19 -30.58
C ASN A 419 4.90 -0.05 -31.97
N PRO A 420 5.31 0.70 -32.99
CA PRO A 420 4.74 0.50 -34.34
C PRO A 420 4.80 -0.94 -34.84
N TYR A 421 5.76 -1.74 -34.38
CA TYR A 421 5.73 -3.17 -34.69
C TYR A 421 4.50 -3.83 -34.08
N TYR A 422 4.20 -3.51 -32.82
CA TYR A 422 3.00 -4.04 -32.19
C TYR A 422 1.75 -3.51 -32.88
N GLN A 423 1.77 -2.24 -33.30
CA GLN A 423 0.62 -1.67 -34.01
C GLN A 423 0.37 -2.41 -35.33
N GLU A 424 1.43 -2.68 -36.09
CA GLU A 424 1.28 -3.42 -37.33
C GLU A 424 0.77 -4.83 -37.08
N PHE A 425 1.31 -5.50 -36.05
CA PHE A 425 0.87 -6.86 -35.75
C PHE A 425 -0.60 -6.88 -35.35
N ARG A 426 -1.02 -5.93 -34.51
CA ARG A 426 -2.42 -5.88 -34.09
C ARG A 426 -3.33 -5.52 -35.25
N LEU A 427 -2.89 -4.62 -36.14
CA LEU A 427 -3.70 -4.29 -37.31
C LEU A 427 -3.87 -5.50 -38.22
N TRP A 428 -2.80 -6.27 -38.42
CA TRP A 428 -2.91 -7.49 -39.21
C TRP A 428 -3.86 -8.49 -38.54
N GLN A 429 -3.76 -8.63 -37.22
CA GLN A 429 -4.67 -9.53 -36.51
C GLN A 429 -6.12 -9.10 -36.68
N TRP A 430 -6.38 -7.81 -36.55
CA TRP A 430 -7.76 -7.32 -36.66
C TRP A 430 -8.29 -7.46 -38.09
N ILE A 431 -7.43 -7.27 -39.08
CA ILE A 431 -7.85 -7.47 -40.46
C ILE A 431 -8.15 -8.95 -40.73
N PHE A 432 -7.31 -9.85 -40.21
CA PHE A 432 -7.56 -11.28 -40.38
C PHE A 432 -8.86 -11.70 -39.69
N ASN A 433 -9.10 -11.16 -38.50
CA ASN A 433 -10.30 -11.50 -37.74
C ASN A 433 -11.54 -10.76 -38.22
N LEU A 434 -11.40 -9.80 -39.13
CA LEU A 434 -12.52 -9.00 -39.58
C LEU A 434 -13.32 -9.72 -40.66
N ASN A 435 -14.64 -9.76 -40.48
CA ASN A 435 -15.54 -10.29 -41.50
C ASN A 435 -16.87 -9.57 -41.36
N LEU A 436 -17.62 -9.54 -42.46
CA LEU A 436 -18.85 -8.77 -42.54
C LEU A 436 -20.06 -9.68 -42.58
N TYR A 437 -21.16 -9.20 -41.99
CA TYR A 437 -22.45 -9.87 -42.05
C TYR A 437 -23.51 -8.88 -42.51
N THR A 438 -24.52 -9.39 -43.21
CA THR A 438 -25.59 -8.55 -43.70
C THR A 438 -26.68 -8.40 -42.64
N LYS A 439 -27.39 -7.28 -42.70
CA LYS A 439 -28.47 -7.04 -41.74
C LYS A 439 -29.73 -7.84 -42.09
N ASP A 440 -29.98 -8.04 -43.39
CA ASP A 440 -31.22 -8.68 -43.81
C ASP A 440 -31.31 -10.13 -43.32
N ASN A 441 -30.40 -10.98 -43.78
CA ASN A 441 -30.46 -12.41 -43.49
C ASN A 441 -29.36 -12.90 -42.57
N ASP A 442 -28.44 -12.02 -42.16
CA ASP A 442 -27.31 -12.40 -41.30
C ASP A 442 -26.51 -13.54 -41.92
N GLU A 443 -26.13 -13.34 -43.18
CA GLU A 443 -25.35 -14.32 -43.93
C GLU A 443 -23.90 -13.85 -44.05
N ASN A 444 -23.02 -14.80 -44.33
CA ASN A 444 -21.59 -14.53 -44.45
C ASN A 444 -21.34 -13.81 -45.77
N VAL A 445 -21.62 -12.51 -45.77
CA VAL A 445 -21.41 -11.70 -46.97
C VAL A 445 -19.92 -11.53 -47.25
N THR A 446 -19.06 -11.76 -46.26
CA THR A 446 -17.62 -11.71 -46.48
C THR A 446 -17.19 -12.84 -47.41
N LYS A 447 -15.90 -12.87 -47.73
CA LYS A 447 -15.25 -13.75 -48.70
C LYS A 447 -15.63 -13.39 -50.13
N VAL A 448 -16.53 -12.43 -50.32
CA VAL A 448 -16.77 -11.85 -51.63
C VAL A 448 -16.15 -10.45 -51.74
N PHE A 449 -16.17 -9.66 -50.68
CA PHE A 449 -15.49 -8.37 -50.66
C PHE A 449 -14.05 -8.46 -50.21
N LEU A 450 -13.70 -9.49 -49.44
CA LEU A 450 -12.33 -9.74 -48.99
C LEU A 450 -11.99 -11.19 -49.33
N ASN A 451 -11.55 -11.43 -50.57
CA ASN A 451 -11.18 -12.76 -51.02
C ASN A 451 -9.74 -12.84 -51.50
N THR A 452 -9.32 -11.91 -52.34
CA THR A 452 -7.97 -11.92 -52.89
C THR A 452 -7.02 -11.12 -52.00
N THR A 453 -5.72 -11.28 -52.27
CA THR A 453 -4.72 -10.52 -51.52
C THR A 453 -4.82 -9.03 -51.79
N GLN A 454 -5.34 -8.64 -52.96
CA GLN A 454 -5.48 -7.22 -53.28
C GLN A 454 -6.45 -6.54 -52.32
N ASP A 455 -7.57 -7.20 -52.00
CA ASP A 455 -8.54 -6.61 -51.09
C ASP A 455 -7.95 -6.41 -49.70
N PHE A 456 -7.21 -7.41 -49.20
CA PHE A 456 -6.61 -7.29 -47.88
C PHE A 456 -5.51 -6.23 -47.87
N GLU A 457 -4.73 -6.14 -48.95
CA GLU A 457 -3.72 -5.09 -49.04
C GLU A 457 -4.37 -3.70 -49.04
N ASN A 458 -5.47 -3.56 -49.78
CA ASN A 458 -6.18 -2.27 -49.79
C ASN A 458 -6.73 -1.93 -48.42
N LEU A 459 -7.30 -2.92 -47.72
CA LEU A 459 -7.81 -2.68 -46.38
C LEU A 459 -6.68 -2.29 -45.42
N PHE A 460 -5.52 -2.95 -45.53
CA PHE A 460 -4.38 -2.61 -44.71
C PHE A 460 -3.90 -1.19 -44.98
N GLU A 461 -3.84 -0.80 -46.26
CA GLU A 461 -3.45 0.56 -46.61
C GLU A 461 -4.44 1.58 -46.07
N PHE A 462 -5.74 1.28 -46.19
CA PHE A 462 -6.77 2.20 -45.71
C PHE A 462 -6.70 2.37 -44.20
N LEU A 463 -6.51 1.26 -43.47
CA LEU A 463 -6.43 1.34 -42.02
C LEU A 463 -5.11 1.94 -41.54
N ASN A 464 -4.07 1.90 -42.37
CA ASN A 464 -2.78 2.45 -41.96
C ASN A 464 -2.86 3.96 -41.75
N THR A 465 -3.58 4.66 -42.63
CA THR A 465 -3.62 6.12 -42.59
C THR A 465 -4.55 6.66 -41.52
N ARG A 466 -5.40 5.84 -40.92
CA ARG A 466 -6.31 6.28 -39.88
C ARG A 466 -5.74 5.99 -38.51
N LYS A 467 -6.42 6.49 -37.47
CA LYS A 467 -6.05 6.23 -36.09
C LYS A 467 -7.08 5.39 -35.34
N GLU A 468 -8.32 5.34 -35.81
CA GLU A 468 -9.37 4.56 -35.16
C GLU A 468 -10.47 4.31 -36.18
N VAL A 469 -10.80 3.05 -36.40
CA VAL A 469 -11.80 2.66 -37.39
C VAL A 469 -13.12 2.38 -36.67
N ASP A 470 -14.22 2.64 -37.38
CA ASP A 470 -15.54 2.41 -36.82
C ASP A 470 -16.48 1.82 -37.85
N GLN A 471 -17.78 1.82 -37.55
CA GLN A 471 -18.78 1.26 -38.47
C GLN A 471 -18.76 1.98 -39.80
N LYS A 472 -18.93 3.31 -39.76
CA LYS A 472 -19.23 4.06 -40.97
C LYS A 472 -18.02 4.17 -41.89
N ALA A 473 -16.83 4.44 -41.34
CA ALA A 473 -15.65 4.57 -42.18
C ALA A 473 -15.30 3.25 -42.85
N LEU A 474 -15.35 2.15 -42.11
CA LEU A 474 -15.07 0.83 -42.69
C LEU A 474 -16.10 0.47 -43.76
N LEU A 475 -17.37 0.78 -43.51
CA LEU A 475 -18.39 0.53 -44.51
C LEU A 475 -18.17 1.36 -45.76
N LYS A 476 -17.82 2.64 -45.59
CA LYS A 476 -17.61 3.53 -46.74
C LYS A 476 -16.37 3.12 -47.53
N HIS A 477 -15.37 2.54 -46.87
CA HIS A 477 -14.20 2.06 -47.61
C HIS A 477 -14.60 0.96 -48.58
N PHE A 478 -15.57 0.13 -48.22
CA PHE A 478 -16.12 -0.88 -49.10
C PHE A 478 -17.41 -0.43 -49.77
N LYS A 479 -17.79 0.84 -49.61
CA LYS A 479 -18.99 1.47 -50.16
C LYS A 479 -20.27 0.97 -49.51
N LEU A 480 -20.19 0.04 -48.56
CA LEU A 480 -21.36 -0.46 -47.87
C LEU A 480 -21.93 0.59 -46.93
N ASN A 481 -23.13 0.32 -46.41
CA ASN A 481 -23.83 1.26 -45.56
C ASN A 481 -24.38 0.55 -44.33
N GLU A 482 -24.65 1.34 -43.29
CA GLU A 482 -25.15 0.79 -42.03
C GLU A 482 -26.50 0.10 -42.20
N LYS A 483 -27.33 0.61 -43.10
CA LYS A 483 -28.69 0.08 -43.25
C LYS A 483 -28.73 -1.33 -43.84
N THR A 484 -27.61 -1.85 -44.34
CA THR A 484 -27.60 -3.12 -45.03
C THR A 484 -26.57 -4.13 -44.53
N HIS A 485 -25.54 -3.72 -43.80
CA HIS A 485 -24.50 -4.66 -43.41
C HIS A 485 -23.89 -4.26 -42.07
N ARG A 486 -23.28 -5.24 -41.42
CA ARG A 486 -22.57 -5.06 -40.15
C ARG A 486 -21.23 -5.79 -40.24
N TRP A 487 -20.34 -5.49 -39.28
CA TRP A 487 -18.98 -6.00 -39.31
C TRP A 487 -18.71 -6.97 -38.16
N ASN A 488 -19.72 -7.76 -37.77
CA ASN A 488 -19.62 -8.95 -36.93
C ASN A 488 -19.33 -8.64 -35.46
N PHE A 489 -19.08 -7.39 -35.10
CA PHE A 489 -18.76 -7.03 -33.72
C PHE A 489 -19.69 -5.92 -33.25
N VAL A 490 -19.38 -5.34 -32.09
CA VAL A 490 -20.22 -4.32 -31.51
C VAL A 490 -20.27 -3.12 -32.45
N GLU A 491 -21.48 -2.71 -32.82
CA GLU A 491 -21.67 -1.68 -33.83
C GLU A 491 -21.17 -0.31 -33.39
N ASP A 492 -21.27 0.01 -32.10
CA ASP A 492 -20.85 1.31 -31.58
C ASP A 492 -19.53 1.20 -30.83
N LYS A 493 -18.71 0.23 -31.17
CA LYS A 493 -17.39 0.04 -30.57
C LYS A 493 -16.31 0.23 -31.61
N LYS A 494 -15.22 0.90 -31.21
CA LYS A 494 -14.10 1.18 -32.08
C LYS A 494 -12.87 0.42 -31.62
N TYR A 495 -11.97 0.16 -32.56
CA TYR A 495 -10.74 -0.57 -32.30
C TYR A 495 -9.52 0.28 -32.64
N PRO A 496 -8.38 0.02 -32.00
CA PRO A 496 -7.15 0.73 -32.38
C PRO A 496 -6.78 0.45 -33.83
N CYS A 497 -6.27 1.47 -34.50
CA CYS A 497 -6.03 1.41 -35.94
C CYS A 497 -4.67 2.03 -36.28
N ASN A 498 -3.65 1.70 -35.49
CA ASN A 498 -2.30 2.24 -35.65
C ASN A 498 -2.33 3.77 -35.57
N GLU A 499 -2.74 4.27 -34.41
CA GLU A 499 -2.88 5.70 -34.20
C GLU A 499 -1.52 6.41 -34.21
N THR A 500 -0.48 5.72 -33.75
CA THR A 500 0.84 6.35 -33.63
C THR A 500 1.30 6.92 -34.97
N LYS A 501 1.23 6.12 -36.03
CA LYS A 501 1.62 6.61 -37.34
C LYS A 501 0.71 7.73 -37.80
N THR A 502 -0.56 7.71 -37.38
CA THR A 502 -1.48 8.80 -37.73
C THR A 502 -1.03 10.12 -37.15
N MET A 503 -0.75 10.16 -35.83
CA MET A 503 -0.27 11.40 -35.24
C MET A 503 1.10 11.79 -35.78
N ILE A 504 1.96 10.80 -36.08
CA ILE A 504 3.28 11.12 -36.62
C ILE A 504 3.15 11.80 -37.98
N SER A 505 2.28 11.27 -38.83
CA SER A 505 2.04 11.90 -40.13
C SER A 505 1.41 13.27 -39.98
N SER A 506 0.47 13.41 -39.03
CA SER A 506 -0.18 14.70 -38.82
C SER A 506 0.83 15.76 -38.41
N ARG A 507 1.70 15.43 -37.46
CA ARG A 507 2.68 16.40 -36.99
C ARG A 507 3.85 16.59 -37.96
N LEU A 508 4.10 15.63 -38.85
CA LEU A 508 5.09 15.84 -39.90
C LEU A 508 4.51 16.60 -41.09
N ASP A 509 3.19 16.66 -41.21
CA ASP A 509 2.57 17.51 -42.20
C ASP A 509 2.33 18.92 -41.68
N LYS A 510 2.18 19.05 -40.35
CA LYS A 510 2.00 20.37 -39.75
C LYS A 510 3.22 21.25 -39.95
N VAL A 511 4.42 20.66 -39.92
CA VAL A 511 5.64 21.45 -40.12
C VAL A 511 5.71 22.01 -41.52
N GLU A 512 5.10 21.31 -42.50
CA GLU A 512 5.09 21.74 -43.90
C GLU A 512 6.50 21.89 -44.44
N ASN A 513 6.64 22.65 -45.54
CA ASN A 513 7.92 22.98 -46.19
C ASN A 513 8.79 21.74 -46.41
N ILE A 514 8.20 20.55 -46.48
CA ILE A 514 8.91 19.31 -46.71
C ILE A 514 8.14 18.47 -47.71
N SER A 515 8.85 17.55 -48.36
CA SER A 515 8.22 16.63 -49.29
C SER A 515 7.40 15.59 -48.53
N ASP A 516 6.36 15.08 -49.20
CA ASP A 516 5.51 14.07 -48.59
C ASP A 516 6.12 12.68 -48.76
N ASP A 517 7.38 12.53 -48.38
CA ASP A 517 8.06 11.24 -48.44
C ASP A 517 9.01 11.03 -47.27
N PHE A 518 9.12 11.99 -46.34
CA PHE A 518 10.07 11.86 -45.24
C PHE A 518 9.66 10.77 -44.26
N LEU A 519 8.36 10.49 -44.16
CA LEU A 519 7.85 9.50 -43.21
C LEU A 519 8.06 8.11 -43.79
N THR A 520 9.12 7.43 -43.36
CA THR A 520 9.38 6.04 -43.68
C THR A 520 9.42 5.23 -42.38
N ARG A 521 9.71 3.93 -42.52
CA ARG A 521 9.69 3.05 -41.36
C ARG A 521 10.80 3.41 -40.37
N ASP A 522 12.03 3.57 -40.88
CA ASP A 522 13.15 3.86 -39.99
C ASP A 522 12.99 5.20 -39.30
N ILE A 523 12.56 6.22 -40.05
CA ILE A 523 12.35 7.53 -39.45
C ILE A 523 11.22 7.50 -38.43
N GLU A 524 10.15 6.77 -38.74
CA GLU A 524 9.04 6.64 -37.80
C GLU A 524 9.49 5.99 -36.50
N GLN A 525 10.29 4.92 -36.61
CA GLN A 525 10.75 4.24 -35.40
C GLN A 525 11.75 5.10 -34.64
N LYS A 526 12.58 5.87 -35.34
CA LYS A 526 13.50 6.78 -34.67
C LYS A 526 12.75 7.85 -33.89
N ILE A 527 11.70 8.43 -34.49
CA ILE A 527 10.90 9.41 -33.79
C ILE A 527 10.18 8.77 -32.61
N TRP A 528 9.72 7.53 -32.78
CA TRP A 528 9.17 6.78 -31.66
C TRP A 528 10.16 6.68 -30.51
N HIS A 529 11.40 6.27 -30.79
CA HIS A 529 12.39 6.12 -29.73
C HIS A 529 12.67 7.47 -29.08
N ILE A 530 12.77 8.52 -29.88
CA ILE A 530 13.03 9.86 -29.34
C ILE A 530 11.94 10.26 -28.37
N ILE A 531 10.67 10.10 -28.76
CA ILE A 531 9.57 10.56 -27.92
C ILE A 531 9.44 9.69 -26.68
N TYR A 532 9.54 8.37 -26.85
CA TYR A 532 9.20 7.47 -25.75
C TYR A 532 10.34 7.34 -24.75
N SER A 533 11.57 7.10 -25.23
CA SER A 533 12.68 6.86 -24.32
C SER A 533 13.07 8.11 -23.54
N VAL A 534 13.04 9.28 -24.19
CA VAL A 534 13.47 10.52 -23.57
C VAL A 534 12.25 11.13 -22.90
N ASN A 535 11.99 10.73 -21.67
CA ASN A 535 10.85 11.22 -20.89
C ASN A 535 11.28 12.31 -19.91
N ASP A 536 11.75 13.43 -20.48
CA ASP A 536 12.11 14.59 -19.67
C ASP A 536 12.00 15.84 -20.55
N LYS A 537 11.53 16.93 -19.96
CA LYS A 537 11.20 18.13 -20.72
C LYS A 537 12.38 18.69 -21.51
N VAL A 538 13.42 19.14 -20.81
CA VAL A 538 14.57 19.74 -21.50
C VAL A 538 15.29 18.70 -22.35
N GLU A 539 15.38 17.46 -21.86
CA GLU A 539 16.01 16.40 -22.64
C GLU A 539 15.25 16.15 -23.93
N TYR A 540 13.92 16.08 -23.85
CA TYR A 540 13.11 15.85 -25.05
C TYR A 540 13.24 17.02 -26.01
N GLU A 541 13.25 18.25 -25.50
CA GLU A 541 13.40 19.42 -26.37
C GLU A 541 14.75 19.40 -27.09
N LYS A 542 15.82 19.11 -26.35
CA LYS A 542 17.14 19.05 -26.97
C LYS A 542 17.24 17.92 -27.98
N ALA A 543 16.63 16.77 -27.66
CA ALA A 543 16.64 15.64 -28.61
C ALA A 543 15.90 16.00 -29.89
N LEU A 544 14.74 16.66 -29.76
CA LEU A 544 14.01 17.07 -30.95
C LEU A 544 14.80 18.08 -31.77
N LYS A 545 15.44 19.05 -31.12
CA LYS A 545 16.22 20.04 -31.84
C LYS A 545 17.40 19.39 -32.57
N SER A 546 18.09 18.47 -31.91
CA SER A 546 19.22 17.80 -32.56
C SER A 546 18.77 16.88 -33.68
N PHE A 547 17.63 16.21 -33.52
CA PHE A 547 17.10 15.39 -34.60
C PHE A 547 16.72 16.23 -35.80
N ALA A 548 16.11 17.39 -35.57
CA ALA A 548 15.79 18.30 -36.66
C ALA A 548 17.05 18.92 -37.28
N ARG A 549 18.14 19.02 -36.52
CA ARG A 549 19.39 19.50 -37.09
C ARG A 549 20.08 18.43 -37.94
N LYS A 550 20.03 17.17 -37.50
CA LYS A 550 20.71 16.10 -38.23
C LYS A 550 20.05 15.87 -39.59
N HIS A 551 18.74 15.69 -39.61
CA HIS A 551 18.00 15.51 -40.85
C HIS A 551 17.63 16.88 -41.41
N HIS A 552 17.52 16.95 -42.74
CA HIS A 552 17.28 18.22 -43.43
C HIS A 552 15.82 18.63 -43.24
N LEU A 553 15.52 19.12 -42.03
CA LEU A 553 14.21 19.61 -41.67
C LEU A 553 14.34 20.95 -40.97
N ASP A 554 13.35 21.81 -41.17
CA ASP A 554 13.34 23.11 -40.52
C ASP A 554 12.91 22.96 -39.06
N GLU A 555 13.74 23.45 -38.15
CA GLU A 555 13.47 23.35 -36.71
C GLU A 555 12.72 24.57 -36.19
N SER A 556 11.61 24.91 -36.86
CA SER A 556 10.78 26.03 -36.45
C SER A 556 9.39 25.60 -36.03
N SER A 557 8.67 24.85 -36.87
CA SER A 557 7.36 24.33 -36.52
C SER A 557 7.37 22.86 -36.15
N PHE A 558 8.40 22.11 -36.55
CA PHE A 558 8.53 20.72 -36.14
C PHE A 558 8.66 20.62 -34.62
N PHE A 559 9.55 21.41 -34.04
CA PHE A 559 9.71 21.43 -32.60
C PHE A 559 8.43 21.90 -31.91
N GLU A 560 7.78 22.94 -32.45
CA GLU A 560 6.56 23.46 -31.83
C GLU A 560 5.45 22.41 -31.84
N ALA A 561 5.32 21.67 -32.93
CA ALA A 561 4.32 20.60 -32.99
C ALA A 561 4.68 19.47 -32.02
N PHE A 562 5.96 19.13 -31.92
CA PHE A 562 6.37 17.98 -31.12
C PHE A 562 6.68 18.32 -29.66
N ARG A 563 6.74 19.60 -29.30
CA ARG A 563 7.10 19.94 -27.93
C ARG A 563 5.97 19.67 -26.93
N LYS A 564 4.74 19.63 -27.40
CA LYS A 564 3.57 19.42 -26.54
C LYS A 564 2.89 18.09 -26.89
N PHE A 565 3.68 17.10 -27.25
CA PHE A 565 3.12 15.81 -27.63
C PHE A 565 2.65 15.07 -26.38
N PRO A 566 1.44 14.52 -26.35
CA PRO A 566 0.93 13.85 -25.14
C PRO A 566 1.77 12.64 -24.78
N PRO A 567 1.95 12.37 -23.49
CA PRO A 567 2.71 11.18 -23.09
C PRO A 567 1.98 9.89 -23.42
N PHE A 568 2.75 8.82 -23.54
CA PHE A 568 2.18 7.51 -23.87
C PHE A 568 1.66 6.81 -22.62
N LYS A 569 0.62 6.02 -22.81
CA LYS A 569 0.12 5.19 -21.71
C LYS A 569 1.06 4.01 -21.47
N SER A 570 1.29 3.70 -20.19
CA SER A 570 2.20 2.62 -19.82
C SER A 570 1.52 1.27 -20.03
N GLU A 571 1.95 0.55 -21.06
CA GLU A 571 1.39 -0.76 -21.36
C GLU A 571 2.40 -1.55 -22.17
N TYR A 572 2.39 -2.87 -21.96
CA TYR A 572 3.25 -3.78 -22.69
C TYR A 572 2.45 -4.99 -23.15
N GLY A 573 2.85 -5.55 -24.30
CA GLY A 573 2.17 -6.70 -24.85
C GLY A 573 2.62 -8.00 -24.22
N SER A 574 2.10 -9.09 -24.76
CA SER A 574 2.48 -10.42 -24.27
C SER A 574 3.86 -10.83 -24.78
N PHE A 575 4.19 -10.46 -26.02
CA PHE A 575 5.44 -10.87 -26.64
C PHE A 575 6.47 -9.74 -26.52
N SER A 576 7.62 -9.95 -27.16
CA SER A 576 8.69 -8.96 -27.22
C SER A 576 8.86 -8.46 -28.65
N GLU A 577 9.80 -7.53 -28.82
CA GLU A 577 10.04 -6.96 -30.15
C GLU A 577 10.57 -8.03 -31.11
N LYS A 578 11.43 -8.92 -30.61
CA LYS A 578 11.95 -9.99 -31.45
C LYS A 578 10.83 -10.92 -31.92
N ALA A 579 9.90 -11.24 -31.03
CA ALA A 579 8.80 -12.13 -31.38
C ALA A 579 7.96 -11.54 -32.51
N ILE A 580 7.62 -10.25 -32.40
CA ILE A 580 6.80 -9.60 -33.42
C ILE A 580 7.59 -9.45 -34.72
N LYS A 581 8.90 -9.16 -34.61
CA LYS A 581 9.73 -9.06 -35.81
C LYS A 581 9.77 -10.39 -36.55
N LYS A 582 9.78 -11.51 -35.81
CA LYS A 582 9.79 -12.82 -36.47
C LYS A 582 8.42 -13.18 -37.02
N LEU A 583 7.34 -12.80 -36.31
CA LEU A 583 6.00 -13.19 -36.73
C LEU A 583 5.49 -12.36 -37.90
N LEU A 584 5.92 -11.10 -38.01
CA LEU A 584 5.34 -10.20 -39.02
C LEU A 584 5.49 -10.70 -40.45
N PRO A 585 6.63 -11.24 -40.90
CA PRO A 585 6.67 -11.78 -42.28
C PRO A 585 5.59 -12.82 -42.53
N LEU A 586 5.29 -13.67 -41.54
CA LEU A 586 4.17 -14.59 -41.67
C LEU A 586 2.85 -13.83 -41.73
N MET A 587 2.70 -12.78 -40.93
CA MET A 587 1.49 -11.97 -40.95
C MET A 587 1.29 -11.29 -42.30
N ARG A 588 2.36 -10.74 -42.85
CA ARG A 588 2.27 -9.94 -44.07
C ARG A 588 1.82 -10.79 -45.25
N LEU A 589 0.99 -10.20 -46.10
CA LEU A 589 0.54 -10.83 -47.33
C LEU A 589 0.62 -9.82 -48.47
N GLY A 590 0.72 -10.34 -49.69
CA GLY A 590 0.80 -9.49 -50.86
C GLY A 590 2.16 -8.87 -51.06
N LYS A 591 2.20 -7.60 -51.49
CA LYS A 591 3.47 -6.93 -51.72
C LYS A 591 4.29 -6.75 -50.46
N TYR A 592 3.66 -6.78 -49.29
CA TYR A 592 4.38 -6.69 -48.02
C TYR A 592 4.99 -8.01 -47.60
N TRP A 593 4.67 -9.11 -48.29
CA TRP A 593 5.17 -10.43 -47.94
C TRP A 593 6.27 -10.84 -48.91
N ASN A 594 7.39 -11.31 -48.37
CA ASN A 594 8.48 -11.82 -49.18
C ASN A 594 9.16 -12.94 -48.39
N TYR A 595 9.59 -13.98 -49.11
CA TYR A 595 10.16 -15.14 -48.44
C TYR A 595 11.53 -14.84 -47.84
N ALA A 596 12.22 -13.82 -48.35
CA ALA A 596 13.58 -13.53 -47.89
C ALA A 596 13.62 -12.92 -46.50
N GLU A 597 12.49 -12.40 -46.01
CA GLU A 597 12.45 -11.75 -44.71
C GLU A 597 12.10 -12.71 -43.57
N ILE A 598 11.94 -14.00 -43.87
CA ILE A 598 11.68 -15.01 -42.85
C ILE A 598 13.02 -15.61 -42.43
N ASP A 599 13.22 -15.76 -41.12
CA ASP A 599 14.50 -16.24 -40.61
C ASP A 599 14.76 -17.69 -41.03
N LYS A 600 15.98 -18.14 -40.77
CA LYS A 600 16.42 -19.44 -41.25
C LYS A 600 15.60 -20.58 -40.64
N TYR A 601 15.33 -20.51 -39.34
CA TYR A 601 14.63 -21.61 -38.67
C TYR A 601 13.22 -21.79 -39.21
N SER A 602 12.47 -20.69 -39.32
CA SER A 602 11.10 -20.79 -39.82
C SER A 602 11.07 -21.20 -41.29
N ARG A 603 12.01 -20.69 -42.08
CA ARG A 603 12.08 -21.09 -43.49
C ARG A 603 12.38 -22.58 -43.62
N GLU A 604 13.30 -23.10 -42.81
CA GLU A 604 13.60 -24.52 -42.85
C GLU A 604 12.41 -25.35 -42.41
N ARG A 605 11.70 -24.91 -41.37
CA ARG A 605 10.51 -25.63 -40.93
C ARG A 605 9.42 -25.62 -42.00
N ILE A 606 9.27 -24.49 -42.69
CA ILE A 606 8.29 -24.41 -43.77
C ILE A 606 8.67 -25.35 -44.92
N GLN A 607 9.96 -25.39 -45.26
CA GLN A 607 10.42 -26.33 -46.29
C GLN A 607 10.15 -27.77 -45.89
N LYS A 608 10.40 -28.10 -44.61
CA LYS A 608 10.14 -29.45 -44.14
C LYS A 608 8.65 -29.78 -44.20
N ILE A 609 7.79 -28.85 -43.80
CA ILE A 609 6.36 -29.14 -43.77
C ILE A 609 5.79 -29.26 -45.17
N ILE A 610 6.27 -28.44 -46.12
CA ILE A 610 5.78 -28.55 -47.48
C ILE A 610 6.35 -29.81 -48.15
N THR A 611 7.57 -30.20 -47.81
CA THR A 611 8.15 -31.41 -48.39
C THR A 611 7.45 -32.66 -47.88
N GLY A 612 7.01 -32.67 -46.64
CA GLY A 612 6.35 -33.83 -46.07
C GLY A 612 7.28 -34.82 -45.38
N GLU A 613 8.50 -34.42 -45.05
CA GLU A 613 9.44 -35.31 -44.40
C GLU A 613 9.10 -35.42 -42.91
N TYR A 614 9.81 -36.31 -42.21
CA TYR A 614 9.54 -36.59 -40.81
C TYR A 614 10.60 -35.89 -39.94
N ASP A 615 10.13 -35.04 -39.02
CA ASP A 615 11.01 -34.34 -38.09
C ASP A 615 10.42 -34.46 -36.69
N GLU A 616 11.31 -34.50 -35.69
CA GLU A 616 10.86 -34.63 -34.31
C GLU A 616 10.13 -33.38 -33.81
N ASN A 617 10.46 -32.22 -34.37
CA ASN A 617 9.86 -30.97 -33.94
C ASN A 617 8.50 -30.69 -34.57
N ILE A 618 8.03 -31.56 -35.45
CA ILE A 618 6.76 -31.38 -36.15
C ILE A 618 5.77 -32.41 -35.62
N LYS A 619 4.62 -31.92 -35.16
CA LYS A 619 3.56 -32.79 -34.66
C LYS A 619 2.64 -33.21 -35.81
N ASP A 620 1.84 -34.25 -35.55
CA ASP A 620 0.86 -34.69 -36.53
C ASP A 620 -0.26 -33.67 -36.70
N LYS A 621 -0.63 -32.97 -35.62
CA LYS A 621 -1.63 -31.92 -35.72
C LYS A 621 -1.18 -30.81 -36.65
N VAL A 622 0.13 -30.57 -36.74
CA VAL A 622 0.64 -29.55 -37.65
C VAL A 622 0.32 -29.92 -39.10
N ARG A 623 0.62 -31.16 -39.48
CA ARG A 623 0.28 -31.62 -40.83
C ARG A 623 -1.22 -31.70 -41.03
N GLU A 624 -1.97 -31.96 -39.96
CA GLU A 624 -3.43 -31.94 -40.06
C GLU A 624 -3.95 -30.54 -40.40
N LYS A 625 -3.35 -29.52 -39.78
CA LYS A 625 -3.80 -28.14 -39.98
C LYS A 625 -3.10 -27.46 -41.15
N SER A 626 -1.80 -27.72 -41.34
CA SER A 626 -1.04 -27.11 -42.42
C SER A 626 -1.06 -27.94 -43.69
N VAL A 627 -2.09 -28.78 -43.87
CA VAL A 627 -2.21 -29.54 -45.11
C VAL A 627 -2.48 -28.62 -46.30
N HIS A 628 -3.21 -27.53 -46.09
CA HIS A 628 -3.47 -26.57 -47.14
C HIS A 628 -2.22 -25.78 -47.55
N LEU A 629 -1.16 -25.84 -46.75
CA LEU A 629 0.05 -25.08 -47.06
C LEU A 629 1.01 -25.92 -47.91
N THR A 630 0.51 -26.48 -49.01
CA THR A 630 1.30 -27.33 -49.89
C THR A 630 2.49 -26.58 -50.47
N ILE A 631 2.30 -25.32 -50.84
CA ILE A 631 3.35 -24.51 -51.45
C ILE A 631 3.75 -23.41 -50.46
N GLU A 632 4.98 -22.93 -50.63
CA GLU A 632 5.47 -21.84 -49.77
C GLU A 632 4.69 -20.56 -49.98
N ASN A 633 4.08 -20.39 -51.15
CA ASN A 633 3.29 -19.19 -51.42
C ASN A 633 2.01 -19.12 -50.58
N ASP A 634 1.53 -20.27 -50.10
CA ASP A 634 0.32 -20.28 -49.27
C ASP A 634 0.57 -19.78 -47.86
N PHE A 635 1.82 -19.56 -47.46
CA PHE A 635 2.13 -19.07 -46.13
C PHE A 635 1.95 -17.56 -46.07
N GLN A 636 0.78 -17.07 -46.48
CA GLN A 636 0.45 -15.65 -46.47
C GLN A 636 -0.83 -15.46 -45.67
N GLY A 637 -0.82 -14.45 -44.80
CA GLY A 637 -2.00 -14.16 -43.99
C GLY A 637 -2.39 -15.27 -43.05
N LEU A 638 -1.41 -15.99 -42.50
CA LEU A 638 -1.70 -17.03 -41.53
C LEU A 638 -2.08 -16.40 -40.20
N GLN A 639 -2.77 -17.18 -39.36
CA GLN A 639 -3.23 -16.67 -38.08
C GLN A 639 -2.10 -16.69 -37.05
N LEU A 640 -2.44 -16.31 -35.82
CA LEU A 640 -1.42 -16.18 -34.77
C LEU A 640 -0.84 -17.54 -34.38
N TRP A 641 -1.69 -18.55 -34.25
CA TRP A 641 -1.23 -19.87 -33.81
C TRP A 641 -0.28 -20.49 -34.82
N LEU A 642 -0.65 -20.43 -36.09
CA LEU A 642 0.20 -20.98 -37.14
C LEU A 642 1.57 -20.37 -37.10
N ALA A 643 1.62 -19.04 -37.20
CA ALA A 643 2.90 -18.35 -37.23
C ALA A 643 3.70 -18.61 -35.96
N GLN A 644 3.03 -18.66 -34.81
CA GLN A 644 3.72 -18.95 -33.56
C GLN A 644 4.39 -20.31 -33.61
N TYR A 645 3.67 -21.33 -34.10
CA TYR A 645 4.27 -22.65 -34.19
C TYR A 645 5.40 -22.67 -35.22
N ILE A 646 5.23 -21.97 -36.34
CA ILE A 646 6.28 -21.95 -37.37
C ILE A 646 7.55 -21.33 -36.82
N VAL A 647 7.43 -20.22 -36.10
CA VAL A 647 8.61 -19.56 -35.55
C VAL A 647 9.22 -20.38 -34.43
N TYR A 648 8.40 -20.93 -33.54
CA TYR A 648 8.88 -21.57 -32.33
C TYR A 648 8.72 -23.09 -32.30
N GLY A 649 7.50 -23.58 -32.52
CA GLY A 649 7.25 -25.00 -32.48
C GLY A 649 6.40 -25.49 -31.32
N ARG A 650 5.60 -24.62 -30.71
CA ARG A 650 4.73 -25.00 -29.60
C ARG A 650 3.30 -24.59 -29.93
N HIS A 651 2.36 -25.52 -29.74
CA HIS A 651 0.95 -25.24 -29.96
C HIS A 651 0.43 -24.44 -28.77
N SER A 652 0.69 -23.13 -28.82
CA SER A 652 0.25 -22.25 -27.72
C SER A 652 0.81 -22.69 -26.37
N GLU A 653 0.23 -22.18 -25.30
CA GLU A 653 0.68 -22.54 -23.96
C GLU A 653 0.35 -24.00 -23.68
N ALA A 654 1.36 -24.87 -23.76
CA ALA A 654 1.13 -26.29 -23.54
C ALA A 654 1.35 -26.71 -22.10
N SER A 655 1.68 -25.77 -21.21
CA SER A 655 1.86 -26.02 -19.78
C SER A 655 2.99 -27.03 -19.52
N MET A 656 3.13 -27.45 -18.27
CA MET A 656 4.13 -28.44 -17.94
C MET A 656 3.49 -29.56 -17.14
N ILE A 657 4.21 -30.64 -16.91
CA ILE A 657 3.68 -31.73 -16.09
C ILE A 657 4.27 -31.65 -14.69
N GLY A 658 3.81 -30.67 -13.92
CA GLY A 658 4.35 -30.48 -12.59
C GLY A 658 3.89 -31.50 -11.58
N LYS A 659 4.64 -32.58 -11.40
CA LYS A 659 4.31 -33.54 -10.36
C LYS A 659 5.38 -33.57 -9.29
N TRP A 660 4.99 -33.48 -8.02
CA TRP A 660 5.91 -33.56 -6.90
C TRP A 660 5.78 -34.92 -6.23
N ASN A 661 6.89 -35.65 -6.15
CA ASN A 661 6.89 -37.00 -5.63
C ASN A 661 7.34 -37.08 -4.18
N SER A 662 7.70 -35.97 -3.56
CA SER A 662 8.17 -35.99 -2.18
C SER A 662 7.98 -34.61 -1.57
N ALA A 663 8.00 -34.57 -0.24
CA ALA A 663 7.86 -33.31 0.47
C ALA A 663 9.04 -32.38 0.23
N ASN A 664 10.16 -32.90 -0.25
CA ASN A 664 11.31 -32.05 -0.52
C ASN A 664 11.03 -31.08 -1.67
N ASP A 665 10.25 -31.51 -2.66
CA ASP A 665 9.84 -30.60 -3.72
C ASP A 665 9.02 -29.44 -3.16
N LEU A 666 8.10 -29.74 -2.24
CA LEU A 666 7.32 -28.70 -1.60
C LEU A 666 8.21 -27.78 -0.77
N GLU A 667 9.21 -28.36 -0.07
CA GLU A 667 10.11 -27.55 0.72
C GLU A 667 10.91 -26.59 -0.15
N VAL A 668 11.43 -27.08 -1.28
CA VAL A 668 12.22 -26.19 -2.14
C VAL A 668 11.32 -25.17 -2.82
N PHE A 669 10.06 -25.52 -3.10
CA PHE A 669 9.13 -24.52 -3.61
C PHE A 669 8.87 -23.43 -2.58
N LEU A 670 8.75 -23.81 -1.30
CA LEU A 670 8.68 -22.82 -0.23
C LEU A 670 9.92 -21.95 -0.21
N LYS A 671 11.10 -22.55 -0.37
CA LYS A 671 12.34 -21.79 -0.36
C LYS A 671 12.39 -20.79 -1.51
N ASP A 672 11.86 -21.18 -2.67
N ASP A 672 11.86 -21.18 -2.67
CA ASP A 672 11.93 -20.37 -3.87
CA ASP A 672 11.93 -20.37 -3.87
C ASP A 672 10.71 -19.47 -4.06
C ASP A 672 10.71 -19.47 -4.06
N PHE A 673 9.77 -19.45 -3.12
CA PHE A 673 8.59 -18.61 -3.25
C PHE A 673 8.98 -17.13 -3.19
N LYS A 674 8.32 -16.32 -4.02
CA LYS A 674 8.66 -14.91 -4.17
C LYS A 674 7.56 -14.04 -3.55
N GLN A 675 7.98 -12.96 -2.91
CA GLN A 675 7.06 -12.04 -2.26
C GLN A 675 6.35 -11.16 -3.29
N HIS A 676 5.15 -10.71 -2.91
CA HIS A 676 4.35 -9.80 -3.73
C HIS A 676 4.07 -10.38 -5.11
N SER A 677 3.82 -11.69 -5.16
CA SER A 677 3.44 -12.37 -6.39
C SER A 677 1.95 -12.45 -6.60
N LEU A 678 1.15 -11.95 -5.65
CA LEU A 678 -0.30 -12.06 -5.73
C LEU A 678 -0.96 -10.69 -5.55
N ARG A 679 -2.29 -10.69 -5.37
CA ARG A 679 -3.04 -9.44 -5.32
C ARG A 679 -2.58 -8.56 -4.16
N ASN A 680 -2.53 -9.12 -2.95
CA ASN A 680 -2.13 -8.36 -1.78
C ASN A 680 -1.30 -9.27 -0.88
N PRO A 681 -0.49 -8.69 0.02
CA PRO A 681 0.35 -9.53 0.89
C PRO A 681 -0.44 -10.47 1.79
N ILE A 682 -1.70 -10.17 2.09
CA ILE A 682 -2.49 -11.01 2.98
C ILE A 682 -2.62 -12.41 2.40
N VAL A 683 -3.03 -12.50 1.14
CA VAL A 683 -3.30 -13.81 0.55
C VAL A 683 -2.01 -14.60 0.39
N GLU A 684 -0.90 -13.93 0.05
CA GLU A 684 0.35 -14.66 -0.11
C GLU A 684 0.87 -15.16 1.24
N GLN A 685 0.70 -14.37 2.31
CA GLN A 685 1.03 -14.86 3.64
C GLN A 685 0.19 -16.07 4.02
N VAL A 686 -1.13 -15.98 3.79
CA VAL A 686 -2.02 -17.08 4.14
C VAL A 686 -1.64 -18.34 3.37
N ILE A 687 -1.36 -18.22 2.08
CA ILE A 687 -0.99 -19.40 1.30
C ILE A 687 0.38 -19.93 1.69
N THR A 688 1.32 -19.05 2.03
CA THR A 688 2.61 -19.53 2.49
C THR A 688 2.44 -20.44 3.70
N GLU A 689 1.72 -19.94 4.72
CA GLU A 689 1.47 -20.77 5.89
C GLU A 689 0.59 -21.97 5.54
N THR A 690 -0.23 -21.85 4.49
CA THR A 690 -1.09 -22.96 4.10
C THR A 690 -0.29 -24.13 3.58
N LEU A 691 0.64 -23.89 2.67
CA LEU A 691 1.39 -25.00 2.12
C LEU A 691 2.42 -25.47 3.15
N ARG A 692 2.76 -24.63 4.12
CA ARG A 692 3.64 -25.08 5.18
C ARG A 692 2.85 -26.07 6.00
N VAL A 693 1.61 -25.74 6.34
CA VAL A 693 0.76 -26.69 7.05
C VAL A 693 0.61 -27.98 6.26
N VAL A 694 0.47 -27.86 4.94
CA VAL A 694 0.33 -29.05 4.10
C VAL A 694 1.60 -29.89 4.18
N LYS A 695 2.76 -29.26 4.15
CA LYS A 695 4.02 -29.99 4.30
C LYS A 695 4.09 -30.69 5.65
N ASP A 696 3.67 -30.01 6.71
CA ASP A 696 3.71 -30.61 8.04
C ASP A 696 2.79 -31.83 8.12
N ILE A 697 1.57 -31.71 7.56
CA ILE A 697 0.66 -32.85 7.54
C ILE A 697 1.25 -34.00 6.73
N TRP A 698 1.85 -33.68 5.58
CA TRP A 698 2.46 -34.70 4.75
C TRP A 698 3.55 -35.44 5.50
N LEU A 699 4.44 -34.70 6.16
CA LEU A 699 5.52 -35.32 6.91
C LEU A 699 4.99 -36.16 8.06
N LYS A 700 3.96 -35.67 8.76
CA LYS A 700 3.50 -36.37 9.96
C LYS A 700 2.71 -37.62 9.60
N TYR A 701 1.85 -37.55 8.59
CA TYR A 701 0.91 -38.63 8.32
C TYR A 701 1.25 -39.48 7.11
N GLY A 702 2.26 -39.12 6.32
CA GLY A 702 2.60 -39.90 5.17
C GLY A 702 4.09 -39.99 4.90
N ASN A 703 4.89 -39.40 5.78
CA ASN A 703 6.34 -39.40 5.69
C ASN A 703 6.85 -38.75 4.40
N GLY A 704 6.03 -37.93 3.76
CA GLY A 704 6.43 -37.30 2.53
C GLY A 704 6.49 -38.22 1.33
N THR A 705 5.85 -39.39 1.41
CA THR A 705 5.90 -40.35 0.33
C THR A 705 5.09 -39.86 -0.88
N LYS A 706 5.33 -40.50 -2.02
CA LYS A 706 4.68 -40.10 -3.26
C LYS A 706 3.21 -40.48 -3.26
N ASP A 707 2.38 -39.61 -3.85
CA ASP A 707 0.95 -39.85 -4.03
C ASP A 707 0.25 -40.08 -2.70
N PHE A 708 0.63 -39.33 -1.67
CA PHE A 708 -0.04 -39.45 -0.39
C PHE A 708 -1.43 -38.84 -0.43
N PHE A 709 -1.56 -37.64 -0.98
CA PHE A 709 -2.84 -36.95 -1.09
C PHE A 709 -3.51 -37.39 -2.39
N ASN A 710 -4.47 -38.31 -2.28
CA ASN A 710 -5.19 -38.73 -3.48
C ASN A 710 -6.02 -37.59 -4.05
N GLU A 711 -6.70 -36.82 -3.19
CA GLU A 711 -7.43 -35.64 -3.60
C GLU A 711 -7.26 -34.55 -2.55
N ILE A 712 -7.39 -33.31 -2.99
CA ILE A 712 -7.38 -32.15 -2.11
C ILE A 712 -8.61 -31.31 -2.42
N HIS A 713 -9.42 -31.03 -1.39
CA HIS A 713 -10.61 -30.21 -1.54
C HIS A 713 -10.36 -28.88 -0.86
N ILE A 714 -10.52 -27.79 -1.62
CA ILE A 714 -10.26 -26.45 -1.12
C ILE A 714 -11.53 -25.63 -1.30
N GLU A 715 -12.09 -25.15 -0.20
CA GLU A 715 -13.24 -24.27 -0.25
C GLU A 715 -13.11 -23.28 0.90
N LEU A 716 -13.72 -22.12 0.74
CA LEU A 716 -13.55 -21.01 1.66
C LEU A 716 -14.80 -20.69 2.46
N GLY A 717 -15.95 -20.57 1.80
CA GLY A 717 -17.19 -20.26 2.49
C GLY A 717 -17.25 -18.83 2.99
N ASP A 930 -13.99 -10.65 -4.34
CA ASP A 930 -13.09 -10.35 -3.23
C ASP A 930 -12.17 -11.54 -2.95
N THR A 931 -12.71 -12.54 -2.26
CA THR A 931 -11.95 -13.72 -1.87
C THR A 931 -12.07 -14.87 -2.86
N ARG A 932 -12.74 -14.65 -4.01
CA ARG A 932 -12.85 -15.70 -5.00
C ARG A 932 -11.54 -15.94 -5.74
N TYR A 933 -10.70 -14.89 -5.85
CA TYR A 933 -9.45 -15.02 -6.59
C TYR A 933 -8.56 -16.12 -6.03
N ILE A 934 -8.69 -16.42 -4.75
CA ILE A 934 -7.86 -17.44 -4.09
C ILE A 934 -8.58 -18.79 -4.03
N SER A 935 -9.55 -19.02 -4.91
CA SER A 935 -10.17 -20.34 -5.02
C SER A 935 -9.58 -21.19 -6.15
N LYS A 936 -8.71 -20.61 -6.98
CA LYS A 936 -8.17 -21.30 -8.14
C LYS A 936 -6.65 -21.31 -8.24
N TYR A 937 -5.98 -20.22 -7.85
CA TYR A 937 -4.53 -20.21 -7.84
C TYR A 937 -3.98 -21.29 -6.91
N ILE A 938 -4.60 -21.44 -5.74
CA ILE A 938 -4.15 -22.45 -4.78
C ILE A 938 -4.42 -23.84 -5.33
N SER A 939 -5.55 -24.04 -6.02
CA SER A 939 -5.80 -25.32 -6.66
C SER A 939 -4.72 -25.63 -7.69
N GLY A 940 -4.34 -24.64 -8.48
CA GLY A 940 -3.28 -24.85 -9.45
C GLY A 940 -1.95 -25.18 -8.80
N ILE A 941 -1.61 -24.48 -7.72
CA ILE A 941 -0.35 -24.74 -7.02
C ILE A 941 -0.34 -26.15 -6.44
N LEU A 942 -1.43 -26.56 -5.81
CA LEU A 942 -1.48 -27.87 -5.18
C LEU A 942 -1.78 -28.99 -6.17
N SER A 943 -2.07 -28.67 -7.42
CA SER A 943 -2.19 -29.71 -8.44
C SER A 943 -0.88 -30.46 -8.64
N ASN A 944 0.24 -29.89 -8.21
CA ASN A 944 1.52 -30.57 -8.27
C ASN A 944 1.56 -31.82 -7.41
N ILE A 945 0.65 -31.95 -6.45
CA ILE A 945 0.63 -33.10 -5.56
C ILE A 945 -0.43 -34.12 -5.98
N VAL A 946 -1.57 -33.68 -6.49
CA VAL A 946 -2.70 -34.56 -6.73
C VAL A 946 -2.89 -34.83 -8.23
N ARG A 947 -1.80 -34.75 -8.98
CA ARG A 947 -1.85 -35.00 -10.41
C ARG A 947 -1.66 -36.48 -10.71
N VAL A 948 -2.23 -36.93 -11.82
CA VAL A 948 -2.12 -38.31 -12.29
C VAL A 948 -1.45 -38.29 -13.66
N GLU A 949 -0.41 -39.10 -13.81
CA GLU A 949 0.40 -39.10 -15.02
C GLU A 949 -0.06 -40.12 -16.06
N ASP A 950 -1.15 -40.84 -15.81
CA ASP A 950 -1.60 -41.85 -16.75
C ASP A 950 -2.16 -41.25 -18.03
N GLY A 951 -2.40 -39.94 -18.07
CA GLY A 951 -2.97 -39.27 -19.22
C GLY A 951 -4.46 -39.00 -19.11
N SER A 952 -5.17 -39.69 -18.21
CA SER A 952 -6.58 -39.43 -18.04
C SER A 952 -6.84 -38.15 -17.24
N ASP A 953 -5.83 -37.63 -16.56
CA ASP A 953 -5.95 -36.40 -15.77
C ASP A 953 -5.04 -35.35 -16.41
N GLU A 954 -5.65 -34.42 -17.14
CA GLU A 954 -4.92 -33.36 -17.82
C GLU A 954 -5.61 -32.03 -17.58
N GLY A 955 -4.85 -30.96 -17.62
CA GLY A 955 -5.40 -29.63 -17.44
C GLY A 955 -4.53 -28.81 -16.51
N VAL A 956 -4.90 -27.53 -16.37
CA VAL A 956 -4.18 -26.64 -15.48
C VAL A 956 -4.38 -27.05 -14.03
N ASN A 957 -5.60 -27.46 -13.67
CA ASN A 957 -5.92 -27.95 -12.35
C ASN A 957 -6.36 -29.41 -12.46
N SER A 958 -5.81 -30.27 -11.61
CA SER A 958 -6.15 -31.68 -11.64
C SER A 958 -7.62 -31.88 -11.25
N LYS A 959 -8.23 -32.91 -11.83
CA LYS A 959 -9.60 -33.25 -11.46
C LYS A 959 -9.70 -33.68 -10.00
N ASN A 960 -8.57 -34.00 -9.37
CA ASN A 960 -8.55 -34.35 -7.96
C ASN A 960 -8.83 -33.18 -7.04
N ILE A 961 -8.83 -31.96 -7.55
CA ILE A 961 -9.18 -30.76 -6.79
C ILE A 961 -10.66 -30.48 -7.04
N VAL A 962 -11.47 -30.57 -5.98
CA VAL A 962 -12.92 -30.40 -6.13
C VAL A 962 -13.41 -29.34 -5.15
N PRO A 963 -13.28 -28.05 -5.47
CA PRO A 963 -13.94 -27.02 -4.65
C PRO A 963 -15.45 -27.17 -4.69
N GLY A 964 -16.09 -26.79 -3.59
CA GLY A 964 -17.54 -26.95 -3.47
C GLY A 964 -18.30 -25.64 -3.39
N ASN A 965 -19.43 -25.65 -2.68
CA ASN A 965 -20.22 -24.46 -2.46
C ASN A 965 -20.87 -24.52 -1.08
N GLY A 966 -21.53 -23.43 -0.70
CA GLY A 966 -22.11 -23.37 0.62
C GLY A 966 -23.32 -24.26 0.82
N LYS A 967 -24.06 -24.53 -0.26
CA LYS A 967 -25.30 -25.30 -0.14
C LYS A 967 -25.03 -26.72 0.35
N ILE A 968 -24.05 -27.39 -0.26
CA ILE A 968 -23.71 -28.74 0.14
C ILE A 968 -23.23 -28.77 1.59
N THR A 969 -22.39 -27.80 1.96
CA THR A 969 -21.88 -27.75 3.32
C THR A 969 -23.00 -27.60 4.33
N THR A 970 -23.92 -26.66 4.08
CA THR A 970 -25.03 -26.45 5.01
C THR A 970 -25.93 -27.67 5.07
N GLN A 971 -26.24 -28.27 3.92
CA GLN A 971 -27.13 -29.42 3.90
C GLN A 971 -26.53 -30.59 4.66
N LEU A 972 -25.23 -30.85 4.48
CA LEU A 972 -24.60 -31.98 5.18
C LEU A 972 -24.42 -31.67 6.66
N LYS A 973 -24.18 -30.40 7.01
CA LYS A 973 -24.12 -30.04 8.41
C LYS A 973 -25.46 -30.27 9.10
N GLN A 974 -26.55 -29.89 8.45
CA GLN A 974 -27.86 -30.09 9.04
C GLN A 974 -28.23 -31.58 9.09
N ASP A 975 -27.97 -32.32 8.01
CA ASP A 975 -28.40 -33.70 7.95
C ASP A 975 -27.53 -34.60 8.83
N TRP A 976 -26.21 -34.40 8.79
CA TRP A 976 -25.32 -35.19 9.63
C TRP A 976 -25.23 -34.65 11.06
N GLY A 977 -25.82 -33.50 11.33
CA GLY A 977 -25.90 -32.98 12.69
C GLY A 977 -24.71 -32.19 13.16
N LEU A 978 -23.90 -31.65 12.25
CA LEU A 978 -22.78 -30.82 12.68
C LEU A 978 -23.26 -29.55 13.37
N ASN A 979 -24.43 -29.05 12.98
CA ASN A 979 -25.03 -27.92 13.69
C ASN A 979 -25.33 -28.29 15.13
N ASP A 980 -25.82 -29.52 15.37
CA ASP A 980 -26.11 -29.96 16.72
C ASP A 980 -24.86 -30.02 17.58
N VAL A 981 -23.76 -30.58 17.02
CA VAL A 981 -22.55 -30.71 17.80
C VAL A 981 -21.94 -29.35 18.08
N TRP A 982 -22.02 -28.43 17.10
CA TRP A 982 -21.54 -27.08 17.37
C TRP A 982 -22.37 -26.40 18.45
N ASN A 983 -23.69 -26.58 18.41
CA ASN A 983 -24.57 -25.93 19.38
C ASN A 983 -24.29 -26.41 20.80
N ASP A 984 -24.23 -27.73 21.00
CA ASP A 984 -23.98 -28.19 22.35
C ASP A 984 -22.51 -28.08 22.74
N LEU A 985 -21.63 -27.79 21.77
CA LEU A 985 -20.25 -27.45 22.10
C LEU A 985 -20.15 -26.03 22.65
N ILE A 986 -20.91 -25.10 22.07
CA ILE A 986 -20.87 -23.71 22.52
C ILE A 986 -21.89 -23.40 23.59
N LEU A 987 -22.77 -24.33 23.93
CA LEU A 987 -23.78 -24.07 24.94
C LEU A 987 -23.22 -23.67 26.31
N PRO A 988 -22.18 -24.32 26.85
CA PRO A 988 -21.71 -23.92 28.19
C PRO A 988 -21.32 -22.46 28.29
N ARG A 989 -20.79 -21.86 27.22
CA ARG A 989 -20.51 -20.43 27.26
C ARG A 989 -21.79 -19.63 27.48
N PHE A 990 -22.88 -20.04 26.84
CA PHE A 990 -24.14 -19.33 26.99
C PHE A 990 -24.76 -19.57 28.36
N GLU A 991 -24.60 -20.77 28.90
CA GLU A 991 -25.04 -21.03 30.27
C GLU A 991 -24.26 -20.15 31.26
N ARG A 992 -22.95 -20.01 31.05
CA ARG A 992 -22.17 -19.12 31.89
C ARG A 992 -22.64 -17.68 31.74
N MET A 993 -22.99 -17.27 30.52
CA MET A 993 -23.49 -15.92 30.32
C MET A 993 -24.81 -15.71 31.07
N ASN A 994 -25.70 -16.69 31.03
CA ASN A 994 -26.95 -16.60 31.77
C ASN A 994 -26.69 -16.50 33.27
N GLN A 995 -25.77 -17.31 33.78
CA GLN A 995 -25.45 -17.26 35.20
C GLN A 995 -24.86 -15.90 35.58
N LEU A 996 -23.99 -15.36 34.72
CA LEU A 996 -23.37 -14.07 35.01
C LEU A 996 -24.38 -12.94 34.98
N THR A 997 -25.34 -13.00 34.05
CA THR A 997 -26.36 -11.96 33.91
C THR A 997 -27.64 -12.32 34.65
N ASN A 998 -27.57 -13.33 35.55
CA ASN A 998 -28.64 -13.79 36.42
C ASN A 998 -30.02 -13.72 35.78
N SER A 999 -30.12 -14.18 34.54
CA SER A 999 -31.37 -14.19 33.80
C SER A 999 -31.45 -15.53 33.05
N LYS A 1000 -32.41 -15.62 32.14
CA LYS A 1000 -32.60 -16.83 31.34
C LYS A 1000 -32.92 -16.45 29.90
N ASP A 1001 -32.24 -15.42 29.39
CA ASP A 1001 -32.49 -14.90 28.06
C ASP A 1001 -31.42 -15.25 27.05
N PHE A 1002 -30.43 -16.05 27.43
CA PHE A 1002 -29.39 -16.48 26.50
C PHE A 1002 -29.56 -17.93 26.05
N THR A 1003 -30.58 -18.62 26.56
CA THR A 1003 -30.88 -19.99 26.15
C THR A 1003 -32.37 -20.12 25.89
N ALA A 1004 -32.73 -20.78 24.80
CA ALA A 1004 -34.12 -20.96 24.41
C ALA A 1004 -34.46 -22.44 24.42
N TRP A 1005 -35.57 -22.78 25.09
CA TRP A 1005 -36.01 -24.17 25.16
C TRP A 1005 -36.74 -24.58 23.89
N ASN A 1006 -36.59 -25.84 23.52
CA ASN A 1006 -37.42 -26.48 22.52
C ASN A 1006 -37.75 -27.89 22.98
N GLU A 1007 -38.92 -28.39 22.57
CA GLU A 1007 -39.41 -29.67 23.06
C GLU A 1007 -39.10 -30.83 22.13
N ASN A 1008 -38.93 -30.58 20.83
CA ASN A 1008 -38.61 -31.66 19.90
C ASN A 1008 -37.25 -32.27 20.22
N HIS A 1009 -36.26 -31.45 20.55
CA HIS A 1009 -34.93 -31.94 20.90
C HIS A 1009 -34.76 -32.14 22.40
N GLN A 1010 -35.70 -31.68 23.22
CA GLN A 1010 -35.68 -31.90 24.67
C GLN A 1010 -34.39 -31.39 25.29
N LYS A 1011 -33.95 -30.22 24.84
CA LYS A 1011 -32.73 -29.61 25.36
C LYS A 1011 -32.80 -28.09 25.11
N PHE A 1012 -31.84 -27.39 25.68
CA PHE A 1012 -31.73 -25.95 25.46
C PHE A 1012 -31.12 -25.67 24.09
N LEU A 1013 -31.06 -24.39 23.74
CA LEU A 1013 -30.54 -23.95 22.47
C LEU A 1013 -29.89 -22.60 22.67
N PRO A 1014 -28.63 -22.42 22.26
CA PRO A 1014 -27.99 -21.12 22.39
C PRO A 1014 -28.72 -20.05 21.60
N THR A 1015 -28.78 -18.85 22.17
CA THR A 1015 -29.45 -17.73 21.53
C THR A 1015 -28.97 -16.44 22.17
N VAL A 1016 -29.43 -15.33 21.63
CA VAL A 1016 -29.07 -14.01 22.15
C VAL A 1016 -30.32 -13.13 22.17
N PRO A 1017 -30.43 -12.26 23.16
CA PRO A 1017 -31.51 -11.27 23.13
C PRO A 1017 -31.39 -10.37 21.93
N ILE A 1018 -32.55 -9.90 21.47
CA ILE A 1018 -32.59 -9.07 20.27
C ILE A 1018 -31.77 -7.81 20.43
N GLU A 1019 -31.61 -7.33 21.66
CA GLU A 1019 -30.91 -6.07 21.85
C GLU A 1019 -29.39 -6.27 21.73
N PHE A 1020 -28.92 -7.49 22.00
CA PHE A 1020 -27.55 -7.92 21.68
C PHE A 1020 -27.48 -8.70 20.38
N SER A 1021 -28.42 -8.51 19.46
CA SER A 1021 -28.43 -9.25 18.20
C SER A 1021 -27.81 -8.46 17.06
N LYS A 1022 -26.81 -7.62 17.36
CA LYS A 1022 -26.24 -6.76 16.34
C LYS A 1022 -25.57 -7.56 15.23
N GLY A 1023 -24.51 -8.28 15.56
CA GLY A 1023 -23.78 -9.05 14.57
C GLY A 1023 -23.37 -10.41 15.08
N PHE A 1024 -24.05 -10.87 16.13
CA PHE A 1024 -23.76 -12.18 16.69
C PHE A 1024 -24.17 -13.28 15.71
N SER A 1025 -23.26 -14.23 15.51
CA SER A 1025 -23.60 -15.48 14.84
C SER A 1025 -22.84 -16.60 15.54
N LYS A 1026 -23.50 -17.73 15.72
CA LYS A 1026 -22.94 -18.81 16.53
C LYS A 1026 -21.68 -19.39 15.90
N LYS A 1027 -21.49 -19.23 14.60
CA LYS A 1027 -20.40 -19.87 13.89
C LYS A 1027 -19.15 -19.01 13.78
N ARG A 1028 -18.97 -18.03 14.66
CA ARG A 1028 -17.80 -17.15 14.60
C ARG A 1028 -17.17 -16.87 15.96
N ILE A 1029 -17.65 -17.49 17.04
CA ILE A 1029 -17.09 -17.23 18.36
C ILE A 1029 -15.94 -18.17 18.73
N ASP A 1030 -15.81 -19.30 18.06
CA ASP A 1030 -14.78 -20.29 18.38
C ASP A 1030 -13.92 -20.54 17.15
N HIS A 1031 -12.60 -20.61 17.38
CA HIS A 1031 -11.67 -20.84 16.29
C HIS A 1031 -11.77 -22.23 15.68
N ARG A 1032 -12.48 -23.15 16.33
CA ARG A 1032 -12.63 -24.50 15.81
C ARG A 1032 -13.62 -24.59 14.67
N HIS A 1033 -14.35 -23.51 14.37
CA HIS A 1033 -15.22 -23.54 13.21
C HIS A 1033 -14.42 -23.61 11.92
N HIS A 1034 -13.18 -23.12 11.91
CA HIS A 1034 -12.32 -23.32 10.75
C HIS A 1034 -12.09 -24.81 10.50
N ALA A 1035 -11.78 -25.55 11.57
CA ALA A 1035 -11.60 -26.99 11.44
C ALA A 1035 -12.90 -27.67 11.03
N LEU A 1036 -14.03 -27.17 11.54
CA LEU A 1036 -15.31 -27.75 11.16
C LEU A 1036 -15.58 -27.56 9.67
N ASP A 1037 -15.32 -26.35 9.16
CA ASP A 1037 -15.48 -26.10 7.73
C ASP A 1037 -14.56 -26.99 6.91
N ALA A 1038 -13.30 -27.11 7.35
CA ALA A 1038 -12.37 -27.97 6.63
C ALA A 1038 -12.85 -29.40 6.60
N LEU A 1039 -13.37 -29.89 7.73
CA LEU A 1039 -13.86 -31.26 7.79
C LEU A 1039 -15.05 -31.47 6.86
N VAL A 1040 -15.99 -30.53 6.84
CA VAL A 1040 -17.17 -30.72 6.00
C VAL A 1040 -16.80 -30.62 4.53
N ILE A 1041 -15.84 -29.76 4.18
CA ILE A 1041 -15.36 -29.70 2.80
C ILE A 1041 -14.67 -31.00 2.41
N ALA A 1042 -13.82 -31.53 3.30
CA ALA A 1042 -13.02 -32.70 2.95
C ALA A 1042 -13.89 -33.91 2.66
N CYS A 1043 -14.94 -34.13 3.46
CA CYS A 1043 -15.74 -35.34 3.34
C CYS A 1043 -16.76 -35.28 2.21
N ALA A 1044 -16.92 -34.12 1.56
CA ALA A 1044 -17.85 -34.00 0.44
C ALA A 1044 -17.26 -34.71 -0.77
N THR A 1045 -17.73 -35.94 -1.01
CA THR A 1045 -17.21 -36.72 -2.12
C THR A 1045 -17.77 -36.23 -3.45
N THR A 1046 -17.25 -36.81 -4.54
CA THR A 1046 -17.69 -36.40 -5.88
C THR A 1046 -19.16 -36.71 -6.08
N ASP A 1047 -19.62 -37.88 -5.62
CA ASP A 1047 -21.02 -38.25 -5.77
C ASP A 1047 -21.93 -37.27 -5.03
N HIS A 1048 -21.55 -36.87 -3.82
CA HIS A 1048 -22.38 -35.98 -3.02
C HIS A 1048 -22.51 -34.61 -3.69
N VAL A 1049 -21.38 -34.04 -4.15
CA VAL A 1049 -21.42 -32.72 -4.76
C VAL A 1049 -22.15 -32.78 -6.10
N ASN A 1050 -21.98 -33.86 -6.85
CA ASN A 1050 -22.72 -34.01 -8.10
C ASN A 1050 -24.22 -34.08 -7.84
N LEU A 1051 -24.63 -34.86 -6.83
CA LEU A 1051 -26.05 -34.98 -6.51
C LEU A 1051 -26.64 -33.66 -6.06
N LEU A 1052 -25.92 -32.91 -5.23
CA LEU A 1052 -26.47 -31.68 -4.69
C LEU A 1052 -26.24 -30.46 -5.59
N ASN A 1053 -25.48 -30.60 -6.67
CA ASN A 1053 -25.35 -29.54 -7.65
C ASN A 1053 -26.22 -29.77 -8.89
N ASN A 1054 -26.54 -31.02 -9.19
CA ASN A 1054 -27.38 -31.34 -10.34
C ASN A 1054 -28.63 -32.08 -9.89
N GLN A 1055 -29.29 -31.57 -8.84
CA GLN A 1055 -30.49 -32.21 -8.32
C GLN A 1055 -31.58 -32.29 -9.38
N SER A 1056 -31.60 -31.35 -10.32
CA SER A 1056 -32.52 -31.43 -11.45
C SER A 1056 -32.20 -32.67 -12.28
N ALA A 1057 -33.13 -33.64 -12.27
CA ALA A 1057 -32.89 -34.93 -12.89
C ALA A 1057 -33.59 -35.13 -14.23
N LYS A 1058 -34.76 -34.52 -14.41
CA LYS A 1058 -35.64 -34.70 -15.55
C LYS A 1058 -36.26 -36.09 -15.61
N SER A 1059 -35.88 -36.98 -14.68
CA SER A 1059 -36.43 -38.33 -14.59
C SER A 1059 -36.06 -38.93 -13.24
N ASP A 1060 -37.05 -39.48 -12.54
CA ASP A 1060 -36.80 -39.98 -11.18
C ASP A 1060 -35.93 -41.23 -11.18
N THR A 1061 -35.93 -41.99 -12.28
CA THR A 1061 -35.20 -43.25 -12.31
C THR A 1061 -33.70 -43.04 -12.46
N LYS A 1062 -33.30 -41.99 -13.18
CA LYS A 1062 -31.87 -41.78 -13.45
C LYS A 1062 -31.09 -41.50 -12.18
N ARG A 1063 -31.63 -40.69 -11.28
CA ARG A 1063 -30.96 -40.31 -10.04
C ARG A 1063 -31.41 -41.14 -8.85
N TYR A 1064 -32.25 -42.16 -9.07
CA TYR A 1064 -32.74 -42.97 -7.95
C TYR A 1064 -31.63 -43.84 -7.37
N ASP A 1065 -30.66 -44.25 -8.18
CA ASP A 1065 -29.56 -45.05 -7.68
C ASP A 1065 -28.73 -44.25 -6.66
N LEU A 1066 -28.49 -42.97 -6.95
CA LEU A 1066 -27.78 -42.13 -5.99
C LEU A 1066 -28.61 -41.90 -4.73
N LYS A 1067 -29.94 -41.82 -4.88
CA LYS A 1067 -30.81 -41.74 -3.72
C LYS A 1067 -30.66 -42.97 -2.83
N LYS A 1068 -30.65 -44.15 -3.46
CA LYS A 1068 -30.49 -45.38 -2.68
C LYS A 1068 -29.10 -45.44 -2.03
N LYS A 1069 -28.07 -45.00 -2.74
CA LYS A 1069 -26.70 -45.16 -2.25
C LYS A 1069 -26.36 -44.16 -1.16
N LEU A 1070 -26.83 -42.92 -1.27
CA LEU A 1070 -26.38 -41.84 -0.39
C LEU A 1070 -27.37 -41.46 0.71
N MET A 1071 -28.66 -41.33 0.39
CA MET A 1071 -29.64 -40.93 1.37
C MET A 1071 -30.49 -42.13 1.81
N LYS A 1072 -31.04 -42.03 3.02
CA LYS A 1072 -31.84 -43.10 3.59
C LYS A 1072 -33.32 -42.85 3.32
N PHE A 1073 -34.03 -43.89 2.90
CA PHE A 1073 -35.44 -43.78 2.59
C PHE A 1073 -36.29 -43.98 3.84
N PRO A 1092 -36.09 -37.62 -0.10
CA PRO A 1092 -35.15 -36.56 0.27
C PRO A 1092 -35.28 -36.14 1.73
N LYS A 1093 -34.91 -37.03 2.65
CA LYS A 1093 -35.03 -36.76 4.07
C LYS A 1093 -33.67 -36.66 4.77
N GLN A 1094 -32.85 -37.71 4.70
CA GLN A 1094 -31.57 -37.71 5.40
C GLN A 1094 -30.55 -38.50 4.60
N PHE A 1095 -29.32 -38.00 4.55
CA PHE A 1095 -28.20 -38.75 3.99
C PHE A 1095 -27.74 -39.81 4.98
N LEU A 1096 -27.17 -40.88 4.45
CA LEU A 1096 -26.43 -41.80 5.30
C LEU A 1096 -25.18 -41.13 5.83
N LYS A 1097 -24.89 -41.36 7.11
CA LYS A 1097 -23.62 -40.93 7.65
C LYS A 1097 -22.48 -41.68 6.96
N PRO A 1098 -21.32 -41.05 6.80
CA PRO A 1098 -20.21 -41.73 6.11
C PRO A 1098 -19.82 -43.05 6.77
N TRP A 1099 -20.01 -43.15 8.08
CA TRP A 1099 -19.87 -44.40 8.79
C TRP A 1099 -20.79 -44.39 10.00
N GLU A 1100 -20.70 -45.43 10.83
CA GLU A 1100 -21.66 -45.61 11.91
C GLU A 1100 -21.60 -44.48 12.93
N LYS A 1101 -20.39 -44.05 13.28
CA LYS A 1101 -20.19 -43.09 14.37
C LYS A 1101 -19.57 -41.79 13.85
N PHE A 1102 -20.02 -41.30 12.70
CA PHE A 1102 -19.44 -40.09 12.13
C PHE A 1102 -19.65 -38.89 13.04
N THR A 1103 -20.89 -38.68 13.50
CA THR A 1103 -21.16 -37.55 14.37
C THR A 1103 -20.39 -37.67 15.68
N VAL A 1104 -20.34 -38.89 16.24
CA VAL A 1104 -19.74 -39.08 17.55
C VAL A 1104 -18.25 -38.75 17.52
N ASP A 1105 -17.51 -39.38 16.59
CA ASP A 1105 -16.07 -39.15 16.58
C ASP A 1105 -15.73 -37.78 15.99
N ALA A 1106 -16.58 -37.24 15.13
CA ALA A 1106 -16.39 -35.85 14.70
C ALA A 1106 -16.49 -34.90 15.90
N LYS A 1107 -17.51 -35.11 16.74
CA LYS A 1107 -17.65 -34.28 17.93
C LYS A 1107 -16.44 -34.44 18.86
N HIS A 1108 -15.97 -35.68 19.04
CA HIS A 1108 -14.80 -35.90 19.87
C HIS A 1108 -13.58 -35.20 19.31
N ASN A 1109 -13.39 -35.27 17.99
CA ASN A 1109 -12.22 -34.65 17.37
C ASN A 1109 -12.28 -33.13 17.51
N LEU A 1110 -13.46 -32.53 17.36
CA LEU A 1110 -13.59 -31.11 17.66
C LEU A 1110 -13.28 -30.84 19.13
N GLU A 1111 -13.73 -31.72 20.03
CA GLU A 1111 -13.50 -31.52 21.45
C GLU A 1111 -12.03 -31.62 21.82
N SER A 1112 -11.21 -32.30 21.02
CA SER A 1112 -9.82 -32.50 21.36
C SER A 1112 -8.89 -31.77 20.41
N ILE A 1113 -9.22 -30.54 20.06
CA ILE A 1113 -8.40 -29.71 19.17
C ILE A 1113 -7.75 -28.62 19.98
N ILE A 1114 -6.43 -28.51 19.88
CA ILE A 1114 -5.66 -27.43 20.47
C ILE A 1114 -5.29 -26.49 19.35
N VAL A 1115 -5.86 -25.28 19.36
CA VAL A 1115 -5.63 -24.34 18.28
C VAL A 1115 -4.19 -23.86 18.31
N SER A 1116 -3.54 -23.91 17.16
CA SER A 1116 -2.14 -23.50 17.04
C SER A 1116 -2.08 -22.04 16.59
N PHE A 1117 -1.34 -21.24 17.35
CA PHE A 1117 -1.21 -19.81 17.08
C PHE A 1117 0.22 -19.49 16.70
N LYS A 1118 0.40 -18.81 15.58
CA LYS A 1118 1.72 -18.36 15.15
C LYS A 1118 2.25 -17.32 16.12
N GLN A 1119 3.54 -17.43 16.47
CA GLN A 1119 4.19 -16.47 17.35
C GLN A 1119 5.14 -15.61 16.54
N ASN A 1120 5.02 -14.29 16.70
CA ASN A 1120 5.89 -13.33 16.01
C ASN A 1120 6.82 -12.74 17.06
N LEU A 1121 7.96 -13.41 17.27
CA LEU A 1121 8.95 -12.98 18.25
C LEU A 1121 10.16 -12.34 17.59
N ARG A 1122 10.00 -11.83 16.39
CA ARG A 1122 11.09 -11.13 15.74
C ARG A 1122 11.26 -9.82 16.43
N VAL A 1123 12.42 -9.64 17.00
CA VAL A 1123 12.70 -8.40 17.72
C VAL A 1123 13.83 -7.62 17.07
N ILE A 1124 14.93 -8.30 16.73
CA ILE A 1124 16.02 -7.71 15.98
C ILE A 1124 16.35 -8.63 14.81
N ASN A 1125 17.00 -8.07 13.80
CA ASN A 1125 17.36 -8.83 12.62
C ASN A 1125 18.61 -8.22 12.00
N LYS A 1126 19.31 -9.03 11.21
CA LYS A 1126 20.49 -8.56 10.51
C LYS A 1126 20.09 -7.71 9.31
N ALA A 1127 20.71 -6.55 9.17
CA ALA A 1127 20.39 -5.60 8.11
C ALA A 1127 21.48 -5.60 7.06
N THR A 1128 21.06 -5.57 5.79
CA THR A 1128 21.97 -5.49 4.66
C THR A 1128 21.75 -4.18 3.92
N ASN A 1129 22.81 -3.41 3.73
CA ASN A 1129 22.74 -2.12 3.07
C ASN A 1129 23.74 -2.10 1.92
N TYR A 1130 23.24 -1.84 0.72
CA TYR A 1130 24.07 -1.68 -0.47
C TYR A 1130 23.93 -0.24 -0.97
N TYR A 1131 25.06 0.44 -1.13
CA TYR A 1131 25.07 1.85 -1.49
C TYR A 1131 26.08 2.07 -2.60
N GLU A 1132 25.74 2.95 -3.54
CA GLU A 1132 26.64 3.28 -4.64
C GLU A 1132 27.83 4.08 -4.12
N LYS A 1133 28.97 3.89 -4.79
CA LYS A 1133 30.25 4.39 -4.30
C LYS A 1133 31.26 4.30 -5.44
N TYR A 1134 32.26 5.18 -5.40
CA TYR A 1134 33.37 5.12 -6.33
C TYR A 1134 34.44 4.19 -5.75
N VAL A 1135 34.75 3.11 -6.47
CA VAL A 1135 35.71 2.12 -6.04
C VAL A 1135 36.92 2.16 -6.96
N GLU A 1136 38.10 2.31 -6.37
CA GLU A 1136 39.35 2.37 -7.14
C GLU A 1136 39.65 1.00 -7.71
N LYS A 1137 39.61 0.89 -9.04
CA LYS A 1137 39.83 -0.38 -9.72
C LYS A 1137 40.75 -0.18 -10.91
N ASP A 1138 41.86 -0.92 -10.94
CA ASP A 1138 42.80 -0.91 -12.06
C ASP A 1138 43.30 0.50 -12.36
N GLY A 1139 43.56 1.27 -11.30
CA GLY A 1139 44.02 2.63 -11.47
C GLY A 1139 42.97 3.63 -11.85
N THR A 1140 41.70 3.23 -11.87
CA THR A 1140 40.60 4.10 -12.28
C THR A 1140 39.48 4.03 -11.24
N LYS A 1141 38.73 5.12 -11.13
CA LYS A 1141 37.57 5.19 -10.25
C LYS A 1141 36.31 4.96 -11.08
N ASN A 1142 35.56 3.92 -10.73
CA ASN A 1142 34.32 3.59 -11.41
C ASN A 1142 33.22 3.40 -10.38
N LYS A 1143 32.09 4.05 -10.60
CA LYS A 1143 30.98 3.97 -9.66
C LYS A 1143 30.36 2.57 -9.69
N GLU A 1144 30.16 2.00 -8.51
CA GLU A 1144 29.52 0.69 -8.40
C GLU A 1144 28.86 0.60 -7.03
N ARG A 1145 28.42 -0.60 -6.67
CA ARG A 1145 27.62 -0.82 -5.47
C ARG A 1145 28.44 -1.60 -4.44
N VAL A 1146 28.44 -1.11 -3.20
CA VAL A 1146 29.27 -1.66 -2.13
C VAL A 1146 28.36 -2.01 -0.95
N GLU A 1147 28.66 -3.12 -0.29
CA GLU A 1147 27.93 -3.52 0.90
C GLU A 1147 28.47 -2.82 2.12
N GLN A 1148 27.57 -2.42 3.03
CA GLN A 1148 27.97 -1.76 4.25
C GLN A 1148 28.76 -2.73 5.14
N ALA A 1149 29.87 -2.24 5.69
CA ALA A 1149 30.72 -3.05 6.54
C ALA A 1149 30.24 -3.01 7.99
N GLY A 1150 30.65 -4.01 8.75
CA GLY A 1150 30.28 -4.09 10.15
C GLY A 1150 28.95 -4.80 10.36
N THR A 1151 28.47 -4.71 11.59
CA THR A 1151 27.21 -5.32 12.00
C THR A 1151 26.19 -4.21 12.23
N ASN A 1152 25.07 -4.28 11.50
CA ASN A 1152 23.99 -3.32 11.62
C ASN A 1152 22.70 -4.06 11.90
N TRP A 1153 22.03 -3.70 12.98
CA TRP A 1153 20.82 -4.38 13.40
C TRP A 1153 19.58 -3.62 12.96
N ALA A 1154 18.54 -4.38 12.61
CA ALA A 1154 17.25 -3.83 12.23
C ALA A 1154 16.23 -4.18 13.30
N ILE A 1155 15.50 -3.17 13.76
CA ILE A 1155 14.46 -3.37 14.76
C ILE A 1155 13.16 -3.67 14.04
N ARG A 1156 12.55 -4.81 14.34
CA ARG A 1156 11.40 -5.31 13.59
C ARG A 1156 10.07 -5.00 14.26
N LYS A 1157 10.07 -4.19 15.32
CA LYS A 1157 8.85 -3.82 16.00
C LYS A 1157 8.78 -2.31 16.16
N PRO A 1158 7.58 -1.75 16.22
CA PRO A 1158 7.46 -0.32 16.53
C PRO A 1158 7.93 -0.06 17.95
N MET A 1159 9.04 0.65 18.09
CA MET A 1159 9.69 0.76 19.40
C MET A 1159 8.85 1.51 20.41
N HIS A 1160 8.03 2.46 19.97
CA HIS A 1160 7.25 3.27 20.89
C HIS A 1160 6.12 3.94 20.11
N LYS A 1161 5.25 4.64 20.82
CA LYS A 1161 4.16 5.36 20.22
C LYS A 1161 4.64 6.69 19.65
N ASP A 1162 3.83 7.25 18.75
CA ASP A 1162 4.22 8.48 18.07
C ASP A 1162 4.22 9.67 19.01
N THR A 1163 3.24 9.75 19.90
CA THR A 1163 3.12 10.91 20.78
C THR A 1163 4.30 10.98 21.73
N VAL A 1164 4.87 12.18 21.86
CA VAL A 1164 6.07 12.40 22.66
C VAL A 1164 5.73 13.38 23.77
N SER A 1165 6.06 13.02 25.01
CA SER A 1165 5.79 13.83 26.17
C SER A 1165 7.10 14.22 26.85
N GLY A 1166 7.09 15.38 27.50
CA GLY A 1166 8.24 15.86 28.23
C GLY A 1166 8.09 15.65 29.72
N LYS A 1167 9.22 15.48 30.40
CA LYS A 1167 9.23 15.26 31.84
C LYS A 1167 9.24 16.58 32.59
N VAL A 1168 8.29 16.74 33.51
CA VAL A 1168 8.20 17.92 34.35
C VAL A 1168 7.99 17.46 35.79
N ASP A 1169 8.31 18.34 36.72
CA ASP A 1169 8.10 18.09 38.14
C ASP A 1169 7.18 19.17 38.69
N LEU A 1170 6.13 18.75 39.39
CA LEU A 1170 5.16 19.66 39.94
C LEU A 1170 5.19 19.58 41.46
N PRO A 1171 5.57 20.65 42.17
CA PRO A 1171 5.63 20.57 43.64
C PRO A 1171 4.30 20.29 44.30
N TRP A 1172 3.18 20.58 43.64
CA TRP A 1172 1.87 20.35 44.20
C TRP A 1172 1.32 18.97 43.88
N VAL A 1173 2.09 18.13 43.19
CA VAL A 1173 1.70 16.75 42.89
C VAL A 1173 2.67 15.82 43.61
N LYS A 1174 2.12 14.94 44.44
CA LYS A 1174 2.95 13.97 45.15
C LYS A 1174 3.28 12.82 44.20
N VAL A 1175 4.58 12.60 43.99
CA VAL A 1175 5.06 11.62 43.02
C VAL A 1175 5.56 10.40 43.78
N PRO A 1176 4.89 9.26 43.69
CA PRO A 1176 5.41 8.05 44.33
C PRO A 1176 6.70 7.59 43.68
N LYS A 1177 7.52 6.89 44.46
CA LYS A 1177 8.79 6.40 43.95
C LYS A 1177 8.57 5.41 42.81
N GLY A 1178 9.38 5.54 41.77
CA GLY A 1178 9.26 4.69 40.60
C GLY A 1178 8.41 5.25 39.48
N LYS A 1179 7.90 6.47 39.62
CA LYS A 1179 7.06 7.08 38.60
C LYS A 1179 7.51 8.51 38.37
N ILE A 1180 7.15 9.04 37.19
CA ILE A 1180 7.51 10.39 36.79
C ILE A 1180 6.28 11.07 36.19
N LEU A 1181 6.34 12.39 36.11
CA LEU A 1181 5.28 13.19 35.52
C LEU A 1181 5.66 13.60 34.10
N THR A 1182 4.79 13.29 33.14
CA THR A 1182 5.01 13.63 31.75
C THR A 1182 3.83 14.44 31.23
N ALA A 1183 4.13 15.48 30.46
CA ALA A 1183 3.11 16.41 29.97
C ALA A 1183 3.23 16.56 28.46
N THR A 1184 2.10 16.90 27.84
CA THR A 1184 2.07 17.14 26.40
C THR A 1184 0.95 18.14 26.09
N ARG A 1185 1.09 18.81 24.95
CA ARG A 1185 0.14 19.85 24.56
C ARG A 1185 -1.13 19.23 23.98
N LYS A 1186 -2.27 19.78 24.38
CA LYS A 1186 -3.57 19.31 23.92
C LYS A 1186 -4.43 20.50 23.52
N SER A 1187 -5.37 20.24 22.60
CA SER A 1187 -6.27 21.29 22.13
C SER A 1187 -7.38 21.52 23.14
N LEU A 1188 -7.65 22.80 23.44
CA LEU A 1188 -8.71 23.16 24.36
C LEU A 1188 -10.06 23.03 23.65
N ASP A 1189 -10.90 22.13 24.14
CA ASP A 1189 -12.19 21.86 23.51
C ASP A 1189 -13.24 21.69 24.60
N SER A 1190 -14.43 21.25 24.18
CA SER A 1190 -15.57 21.12 25.09
C SER A 1190 -15.42 19.99 26.09
N SER A 1191 -14.42 19.13 25.94
CA SER A 1191 -14.20 18.03 26.87
C SER A 1191 -13.39 18.42 28.10
N PHE A 1192 -13.36 19.71 28.44
CA PHE A 1192 -12.57 20.22 29.56
C PHE A 1192 -13.52 20.54 30.71
N ASP A 1193 -13.78 19.54 31.55
CA ASP A 1193 -14.58 19.73 32.74
C ASP A 1193 -13.66 20.07 33.91
N LEU A 1194 -14.19 20.04 35.14
CA LEU A 1194 -13.36 20.31 36.30
C LEU A 1194 -12.25 19.28 36.45
N LYS A 1195 -12.57 18.01 36.23
CA LYS A 1195 -11.54 16.97 36.30
C LYS A 1195 -10.47 17.17 35.24
N SER A 1196 -10.88 17.49 34.01
CA SER A 1196 -9.92 17.73 32.95
C SER A 1196 -9.09 18.98 33.22
N ILE A 1197 -9.73 20.03 33.74
CA ILE A 1197 -9.00 21.25 34.06
C ILE A 1197 -7.96 20.98 35.13
N GLY A 1198 -8.29 20.14 36.10
CA GLY A 1198 -7.38 19.84 37.19
C GLY A 1198 -6.10 19.13 36.77
N SER A 1199 -6.03 18.63 35.54
CA SER A 1199 -4.87 17.92 35.05
C SER A 1199 -3.95 18.81 34.19
N ILE A 1200 -4.19 20.11 34.16
CA ILE A 1200 -3.33 21.02 33.43
C ILE A 1200 -2.11 21.34 34.29
N THR A 1201 -0.93 21.29 33.68
CA THR A 1201 0.30 21.50 34.43
C THR A 1201 0.34 22.89 35.04
N ASP A 1202 -0.05 23.90 34.28
CA ASP A 1202 -0.01 25.27 34.78
C ASP A 1202 -1.25 25.57 35.63
N THR A 1203 -1.08 26.49 36.58
CA THR A 1203 -2.16 26.88 37.46
C THR A 1203 -2.83 28.18 37.07
N GLY A 1204 -2.13 29.07 36.35
CA GLY A 1204 -2.78 30.26 35.85
C GLY A 1204 -3.88 29.96 34.85
N ILE A 1205 -3.58 29.06 33.90
CA ILE A 1205 -4.61 28.64 32.95
C ILE A 1205 -5.71 27.87 33.66
N GLN A 1206 -5.37 27.08 34.68
CA GLN A 1206 -6.40 26.40 35.44
C GLN A 1206 -7.35 27.38 36.10
N LYS A 1207 -6.80 28.43 36.72
CA LYS A 1207 -7.63 29.45 37.36
C LYS A 1207 -8.50 30.18 36.34
N ILE A 1208 -7.91 30.55 35.20
CA ILE A 1208 -8.67 31.28 34.18
C ILE A 1208 -9.80 30.42 33.64
N LEU A 1209 -9.51 29.15 33.33
CA LEU A 1209 -10.52 28.26 32.78
C LEU A 1209 -11.62 27.98 33.82
N LYS A 1210 -11.25 27.83 35.09
CA LYS A 1210 -12.27 27.65 36.12
C LYS A 1210 -13.18 28.87 36.21
N ASN A 1211 -12.60 30.07 36.16
CA ASN A 1211 -13.42 31.28 36.20
C ASN A 1211 -14.36 31.34 35.00
N TYR A 1212 -13.85 31.04 33.81
CA TYR A 1212 -14.69 31.09 32.61
C TYR A 1212 -15.81 30.05 32.67
N LEU A 1213 -15.49 28.84 33.14
CA LEU A 1213 -16.50 27.79 33.23
C LEU A 1213 -17.56 28.13 34.28
N ALA A 1214 -17.15 28.78 35.36
CA ALA A 1214 -18.13 29.26 36.34
C ALA A 1214 -19.01 30.34 35.73
N PHE A 1215 -18.45 31.17 34.87
CA PHE A 1215 -19.25 32.20 34.21
C PHE A 1215 -20.31 31.61 33.30
N LYS A 1216 -20.03 30.44 32.70
CA LYS A 1216 -20.95 29.80 31.77
C LYS A 1216 -21.79 28.73 32.45
N ASP A 1217 -22.12 28.92 33.73
CA ASP A 1217 -23.00 28.02 34.47
C ASP A 1217 -22.47 26.59 34.51
N GLY A 1218 -21.15 26.43 34.51
CA GLY A 1218 -20.55 25.11 34.57
C GLY A 1218 -20.91 24.23 33.38
N ASN A 1219 -20.99 24.82 32.18
CA ASN A 1219 -21.33 24.08 30.98
C ASN A 1219 -20.14 24.09 30.04
N PRO A 1220 -19.36 23.00 29.98
CA PRO A 1220 -18.21 22.98 29.08
C PRO A 1220 -18.59 23.12 27.61
N GLU A 1221 -19.79 22.66 27.23
CA GLU A 1221 -20.20 22.76 25.83
C GLU A 1221 -20.31 24.21 25.40
N LEU A 1222 -20.93 25.05 26.22
CA LEU A 1222 -21.05 26.47 25.89
C LEU A 1222 -19.75 27.21 26.11
N ALA A 1223 -19.01 26.87 27.17
CA ALA A 1223 -17.81 27.61 27.51
C ALA A 1223 -16.70 27.39 26.48
N PHE A 1224 -16.44 26.14 26.12
CA PHE A 1224 -15.28 25.80 25.29
C PHE A 1224 -15.68 25.40 23.88
N SER A 1225 -16.80 25.94 23.39
CA SER A 1225 -17.07 25.89 21.96
C SER A 1225 -16.14 26.86 21.24
N PRO A 1226 -15.92 26.68 19.94
CA PRO A 1226 -15.02 27.59 19.21
C PRO A 1226 -15.41 29.05 19.36
N GLU A 1227 -16.70 29.36 19.29
CA GLU A 1227 -17.13 30.72 19.56
C GLU A 1227 -16.94 31.08 21.02
N GLY A 1228 -17.17 30.12 21.93
CA GLY A 1228 -16.90 30.36 23.34
C GLY A 1228 -15.42 30.57 23.61
N ILE A 1229 -14.56 29.79 22.96
CA ILE A 1229 -13.13 29.98 23.11
C ILE A 1229 -12.71 31.34 22.59
N ASP A 1230 -13.28 31.75 21.44
CA ASP A 1230 -12.96 33.08 20.91
C ASP A 1230 -13.41 34.17 21.87
N ASP A 1231 -14.60 34.02 22.45
CA ASP A 1231 -15.09 35.02 23.41
C ASP A 1231 -14.20 35.07 24.65
N LEU A 1232 -13.76 33.92 25.13
CA LEU A 1232 -12.85 33.88 26.27
C LEU A 1232 -11.55 34.60 25.94
N ASN A 1233 -11.00 34.34 24.75
CA ASN A 1233 -9.75 34.97 24.36
C ASN A 1233 -9.91 36.47 24.17
N LYS A 1234 -11.11 36.91 23.77
CA LYS A 1234 -11.35 38.34 23.59
C LYS A 1234 -11.32 39.08 24.93
N ASN A 1235 -11.91 38.51 25.96
CA ASN A 1235 -12.05 39.16 27.26
C ASN A 1235 -11.38 38.36 28.36
N ILE A 1236 -10.16 37.89 28.10
CA ILE A 1236 -9.44 37.09 29.08
C ILE A 1236 -8.99 37.89 30.28
N GLU A 1237 -9.06 39.23 30.20
CA GLU A 1237 -8.74 40.05 31.37
C GLU A 1237 -9.73 39.81 32.50
N LYS A 1238 -11.02 39.72 32.17
CA LYS A 1238 -12.06 39.59 33.18
C LYS A 1238 -12.01 38.27 33.93
N TYR A 1239 -11.42 37.23 33.33
CA TYR A 1239 -11.33 35.93 33.95
C TYR A 1239 -9.93 35.63 34.49
N ASN A 1240 -9.12 36.66 34.70
CA ASN A 1240 -7.78 36.52 35.24
C ASN A 1240 -7.55 37.52 36.37
N ASP A 1241 -8.62 37.94 37.04
CA ASP A 1241 -8.58 38.94 38.10
C ASP A 1241 -7.95 40.25 37.60
N GLY A 1242 -8.25 40.60 36.36
CA GLY A 1242 -7.78 41.84 35.79
C GLY A 1242 -6.36 41.84 35.26
N LYS A 1243 -5.71 40.68 35.22
CA LYS A 1243 -4.34 40.78 34.72
C LYS A 1243 -4.24 40.19 33.32
N PRO A 1244 -3.39 40.78 32.47
CA PRO A 1244 -3.31 40.33 31.07
C PRO A 1244 -2.77 38.91 30.97
N HIS A 1245 -3.23 38.22 29.94
CA HIS A 1245 -2.77 36.87 29.64
C HIS A 1245 -2.82 36.66 28.14
N GLN A 1246 -1.89 35.87 27.63
CA GLN A 1246 -1.86 35.55 26.22
C GLN A 1246 -3.02 34.64 25.86
N PRO A 1247 -3.46 34.65 24.60
CA PRO A 1247 -4.57 33.78 24.20
C PRO A 1247 -4.24 32.30 24.42
N ILE A 1248 -5.26 31.54 24.76
CA ILE A 1248 -5.13 30.12 25.05
C ILE A 1248 -5.83 29.35 23.95
N ASN A 1249 -5.09 28.47 23.27
CA ASN A 1249 -5.67 27.60 22.26
C ASN A 1249 -5.27 26.16 22.54
N LYS A 1250 -4.09 25.97 23.12
CA LYS A 1250 -3.60 24.66 23.52
C LYS A 1250 -3.01 24.75 24.92
N VAL A 1251 -3.12 23.66 25.66
CA VAL A 1251 -2.60 23.57 27.02
C VAL A 1251 -1.86 22.25 27.18
N ARG A 1252 -0.98 22.22 28.19
CA ARG A 1252 -0.20 21.03 28.49
C ARG A 1252 -0.81 20.33 29.69
N VAL A 1253 -1.15 19.06 29.52
CA VAL A 1253 -1.76 18.25 30.57
C VAL A 1253 -0.78 17.15 30.97
N PHE A 1254 -0.64 16.95 32.28
CA PHE A 1254 0.34 16.01 32.79
C PHE A 1254 -0.30 14.66 33.08
N GLU A 1255 0.55 13.69 33.38
CA GLU A 1255 0.11 12.34 33.70
C GLU A 1255 1.19 11.68 34.55
N LEU A 1256 0.77 11.08 35.65
CA LEU A 1256 1.70 10.39 36.56
C LEU A 1256 1.81 8.95 36.11
N GLY A 1257 2.93 8.61 35.50
CA GLY A 1257 3.12 7.28 34.98
C GLY A 1257 4.57 6.95 34.77
N SER A 1258 4.82 5.85 34.05
CA SER A 1258 6.16 5.35 33.77
C SER A 1258 6.40 5.42 32.28
N LYS A 1259 7.07 6.48 31.84
CA LYS A 1259 7.45 6.65 30.44
C LYS A 1259 8.97 6.66 30.32
N PHE A 1260 9.48 5.98 29.31
CA PHE A 1260 10.91 5.83 29.12
C PHE A 1260 11.44 6.78 28.06
N GLN A 1261 12.73 7.07 28.13
CA GLN A 1261 13.37 7.97 27.20
C GLN A 1261 13.52 7.31 25.83
N VAL A 1262 13.48 8.14 24.78
CA VAL A 1262 13.59 7.63 23.42
C VAL A 1262 15.01 7.11 23.16
N GLY A 1263 16.00 7.90 23.51
CA GLY A 1263 17.39 7.56 23.24
C GLY A 1263 18.30 8.14 24.29
N GLN A 1264 19.58 8.31 23.94
CA GLN A 1264 20.56 8.80 24.88
C GLN A 1264 21.46 9.90 24.32
N THR A 1265 21.27 10.33 23.08
CA THR A 1265 22.11 11.34 22.47
C THR A 1265 21.30 12.58 22.14
N GLY A 1266 21.92 13.75 22.30
CA GLY A 1266 21.25 15.00 21.97
C GLY A 1266 20.05 15.24 22.85
N ASN A 1267 18.96 15.69 22.24
CA ASN A 1267 17.72 15.95 22.95
C ASN A 1267 16.81 14.74 23.00
N LYS A 1268 17.25 13.59 22.49
CA LYS A 1268 16.45 12.37 22.58
C LYS A 1268 16.27 11.90 24.02
N LYS A 1269 17.13 12.36 24.94
CA LYS A 1269 16.93 12.03 26.34
C LYS A 1269 15.68 12.69 26.91
N GLY A 1270 15.34 13.89 26.40
CA GLY A 1270 14.19 14.61 26.87
C GLY A 1270 12.86 14.19 26.29
N LYS A 1271 12.85 13.19 25.41
CA LYS A 1271 11.63 12.70 24.78
C LYS A 1271 11.18 11.44 25.52
N TYR A 1272 10.02 11.53 26.17
CA TYR A 1272 9.45 10.41 26.91
C TYR A 1272 8.23 9.89 26.17
N VAL A 1273 8.20 8.58 25.94
CA VAL A 1273 7.18 7.96 25.11
C VAL A 1273 6.62 6.75 25.85
N GLU A 1274 5.56 6.20 25.28
CA GLU A 1274 4.89 5.02 25.83
C GLU A 1274 5.09 3.85 24.88
N ALA A 1275 5.16 2.65 25.45
CA ALA A 1275 5.36 1.45 24.64
C ALA A 1275 4.26 1.33 23.59
N ALA A 1276 4.64 0.98 22.38
CA ALA A 1276 3.70 0.87 21.28
C ALA A 1276 2.78 -0.33 21.49
N LYS A 1277 1.71 -0.37 20.70
CA LYS A 1277 0.73 -1.43 20.81
C LYS A 1277 1.37 -2.78 20.47
N GLY A 1278 1.14 -3.76 21.33
CA GLY A 1278 1.68 -5.10 21.11
C GLY A 1278 3.19 -5.20 21.17
N THR A 1279 3.81 -4.53 22.12
CA THR A 1279 5.26 -4.57 22.27
C THR A 1279 5.71 -5.16 23.60
N ASN A 1280 4.78 -5.55 24.48
CA ASN A 1280 5.11 -6.20 25.73
C ASN A 1280 5.14 -7.71 25.48
N LEU A 1281 6.27 -8.18 24.95
CA LEU A 1281 6.36 -9.55 24.47
C LEU A 1281 6.71 -10.55 25.57
N PHE A 1282 7.11 -10.10 26.75
CA PHE A 1282 7.66 -10.99 27.76
C PHE A 1282 7.11 -10.65 29.14
N PHE A 1283 6.71 -11.69 29.88
CA PHE A 1283 6.22 -11.55 31.26
C PHE A 1283 6.98 -12.56 32.11
N ALA A 1284 8.02 -12.10 32.80
CA ALA A 1284 8.90 -12.98 33.55
C ALA A 1284 8.42 -13.14 34.98
N VAL A 1285 8.38 -14.38 35.45
CA VAL A 1285 8.02 -14.71 36.83
C VAL A 1285 9.28 -15.18 37.53
N TYR A 1286 9.72 -14.42 38.53
CA TYR A 1286 10.94 -14.72 39.26
C TYR A 1286 10.60 -15.40 40.59
N GLU A 1287 11.53 -16.21 41.06
CA GLU A 1287 11.27 -17.14 42.16
C GLU A 1287 12.40 -17.09 43.18
N ASP A 1288 12.02 -17.05 44.46
CA ASP A 1288 13.00 -17.17 45.53
C ASP A 1288 13.14 -18.64 45.93
N GLU A 1289 13.91 -18.89 46.98
CA GLU A 1289 14.10 -20.26 47.45
C GLU A 1289 12.93 -20.76 48.28
N LYS A 1290 12.12 -19.84 48.81
CA LYS A 1290 11.05 -20.24 49.71
C LYS A 1290 9.85 -20.80 48.96
N GLY A 1291 9.42 -20.13 47.90
CA GLY A 1291 8.22 -20.53 47.19
C GLY A 1291 7.39 -19.36 46.72
N LYS A 1292 7.83 -18.15 47.05
CA LYS A 1292 7.11 -16.94 46.66
C LYS A 1292 7.44 -16.58 45.22
N ARG A 1293 6.42 -16.17 44.47
CA ARG A 1293 6.57 -15.75 43.08
C ARG A 1293 6.54 -14.24 42.98
N SER A 1294 7.37 -13.70 42.08
CA SER A 1294 7.38 -12.28 41.78
C SER A 1294 7.19 -12.08 40.27
N TYR A 1295 6.56 -10.98 39.91
CA TYR A 1295 6.09 -10.78 38.55
C TYR A 1295 6.65 -9.48 37.97
N GLU A 1296 7.03 -9.52 36.70
CA GLU A 1296 7.58 -8.35 36.04
C GLU A 1296 7.50 -8.55 34.53
N THR A 1297 7.16 -7.48 33.82
CA THR A 1297 7.05 -7.50 32.37
C THR A 1297 8.26 -6.79 31.79
N ILE A 1298 8.98 -7.47 30.89
CA ILE A 1298 10.23 -6.97 30.34
C ILE A 1298 9.93 -5.93 29.26
N PRO A 1299 10.48 -4.73 29.36
CA PRO A 1299 10.29 -3.74 28.29
C PRO A 1299 11.02 -4.15 27.02
N LEU A 1300 10.65 -3.48 25.92
CA LEU A 1300 11.20 -3.86 24.61
C LEU A 1300 12.68 -3.51 24.49
N ASN A 1301 13.08 -2.34 25.01
CA ASN A 1301 14.46 -1.89 24.83
C ASN A 1301 15.46 -2.82 25.51
N GLU A 1302 15.11 -3.32 26.70
CA GLU A 1302 15.96 -4.29 27.37
C GLU A 1302 16.10 -5.55 26.53
N VAL A 1303 15.01 -5.99 25.90
CA VAL A 1303 15.07 -7.13 25.00
C VAL A 1303 16.00 -6.84 23.83
N ILE A 1304 15.92 -5.62 23.29
CA ILE A 1304 16.83 -5.21 22.22
C ILE A 1304 18.27 -5.39 22.65
N GLU A 1305 18.61 -4.84 23.81
CA GLU A 1305 19.99 -4.88 24.28
C GLU A 1305 20.45 -6.31 24.51
N ARG A 1306 19.63 -7.12 25.18
CA ARG A 1306 20.03 -8.48 25.50
C ARG A 1306 20.16 -9.33 24.24
N GLN A 1307 19.30 -9.12 23.25
CA GLN A 1307 19.39 -9.91 22.03
C GLN A 1307 20.54 -9.47 21.14
N LYS A 1308 20.86 -8.17 21.11
CA LYS A 1308 21.99 -7.74 20.31
C LYS A 1308 23.31 -8.11 20.98
N GLN A 1309 23.32 -8.26 22.31
CA GLN A 1309 24.51 -8.74 22.98
C GLN A 1309 24.64 -10.25 22.96
N GLY A 1310 23.68 -10.94 22.36
CA GLY A 1310 23.73 -12.39 22.27
C GLY A 1310 23.24 -13.13 23.49
N LEU A 1311 22.79 -12.42 24.52
CA LEU A 1311 22.32 -13.06 25.75
C LEU A 1311 20.93 -13.64 25.50
N THR A 1312 20.30 -14.17 26.56
CA THR A 1312 18.92 -14.58 26.46
C THR A 1312 18.01 -13.36 26.42
N SER A 1313 16.81 -13.55 25.85
CA SER A 1313 15.88 -12.43 25.71
C SER A 1313 15.46 -11.90 27.08
N VAL A 1314 15.27 -12.78 28.05
CA VAL A 1314 14.79 -12.39 29.37
C VAL A 1314 15.95 -12.45 30.37
N PRO A 1315 16.11 -11.45 31.23
CA PRO A 1315 17.12 -11.55 32.30
C PRO A 1315 16.79 -12.69 33.24
N LEU A 1316 17.74 -13.60 33.41
CA LEU A 1316 17.53 -14.74 34.29
C LEU A 1316 17.92 -14.44 35.74
N GLU A 1317 17.99 -13.17 36.11
CA GLU A 1317 18.39 -12.79 37.46
C GLU A 1317 17.88 -11.38 37.73
N ASN A 1318 17.29 -11.16 38.90
CA ASN A 1318 16.87 -9.83 39.31
C ASN A 1318 17.96 -9.16 40.15
N GLU A 1319 17.64 -7.99 40.70
CA GLU A 1319 18.53 -7.35 41.65
C GLU A 1319 18.48 -8.05 43.00
N LYS A 1320 17.29 -8.50 43.41
CA LYS A 1320 17.14 -9.18 44.69
C LYS A 1320 17.81 -10.56 44.69
N GLY A 1321 18.07 -11.13 43.51
CA GLY A 1321 18.70 -12.42 43.41
C GLY A 1321 17.75 -13.58 43.18
N SER A 1322 16.46 -13.32 42.96
CA SER A 1322 15.51 -14.39 42.74
C SER A 1322 15.74 -15.04 41.38
N ARG A 1323 15.76 -16.37 41.36
CA ARG A 1323 15.95 -17.08 40.10
C ARG A 1323 14.71 -16.99 39.23
N LEU A 1324 14.91 -17.04 37.93
CA LEU A 1324 13.81 -16.94 36.98
C LEU A 1324 13.15 -18.30 36.79
N LEU A 1325 11.83 -18.35 36.93
CA LEU A 1325 11.10 -19.57 36.60
C LEU A 1325 10.87 -19.66 35.10
N PHE A 1326 10.20 -18.66 34.53
CA PHE A 1326 9.86 -18.67 33.11
C PHE A 1326 9.32 -17.31 32.73
N ASP A 1327 9.21 -17.08 31.42
CA ASP A 1327 8.57 -15.89 30.87
C ASP A 1327 7.42 -16.30 29.97
N LEU A 1328 6.39 -15.47 29.93
CA LEU A 1328 5.23 -15.71 29.09
C LEU A 1328 5.17 -14.69 27.98
N SER A 1329 4.77 -15.13 26.79
CA SER A 1329 4.71 -14.30 25.61
C SER A 1329 3.31 -14.38 25.00
N PRO A 1330 2.89 -13.35 24.28
CA PRO A 1330 1.56 -13.40 23.65
C PRO A 1330 1.46 -14.55 22.67
N ASN A 1331 0.24 -15.09 22.54
CA ASN A 1331 -0.06 -16.24 21.70
C ASN A 1331 0.66 -17.50 22.16
N ASP A 1332 0.97 -17.60 23.44
CA ASP A 1332 1.58 -18.81 24.00
C ASP A 1332 0.55 -19.53 24.86
N LEU A 1333 0.55 -20.85 24.79
CA LEU A 1333 -0.45 -21.68 25.44
C LEU A 1333 0.10 -22.26 26.73
N VAL A 1334 -0.62 -22.06 27.83
CA VAL A 1334 -0.25 -22.61 29.12
C VAL A 1334 -1.39 -23.50 29.61
N TYR A 1335 -1.04 -24.42 30.50
CA TYR A 1335 -2.00 -25.34 31.08
C TYR A 1335 -2.14 -25.05 32.56
N VAL A 1336 -3.38 -24.93 33.03
CA VAL A 1336 -3.67 -24.65 34.43
C VAL A 1336 -4.23 -25.92 35.06
N PRO A 1337 -3.46 -26.62 35.89
CA PRO A 1337 -3.97 -27.85 36.49
C PRO A 1337 -5.06 -27.58 37.51
N GLU A 1338 -5.82 -28.62 37.80
CA GLU A 1338 -6.88 -28.52 38.80
C GLU A 1338 -6.28 -28.18 40.17
N ILE A 1339 -7.15 -27.75 41.08
CA ILE A 1339 -6.69 -27.32 42.40
C ILE A 1339 -6.09 -28.49 43.18
N ASP A 1340 -6.64 -29.70 43.02
CA ASP A 1340 -6.12 -30.85 43.74
C ASP A 1340 -4.82 -31.38 43.14
N GLU A 1341 -4.66 -31.28 41.82
CA GLU A 1341 -3.48 -31.83 41.16
C GLU A 1341 -2.23 -31.05 41.56
N ASN A 1342 -1.12 -31.77 41.63
CA ASN A 1342 0.20 -31.21 41.95
C ASN A 1342 1.15 -31.57 40.81
N ILE A 1343 1.35 -30.63 39.89
CA ILE A 1343 2.15 -30.86 38.69
C ILE A 1343 3.53 -30.23 38.92
N ASP A 1344 4.53 -31.06 39.18
CA ASP A 1344 5.91 -30.62 39.30
C ASP A 1344 6.81 -31.27 38.25
N SER A 1345 6.72 -32.59 38.10
CA SER A 1345 7.44 -33.32 37.06
C SER A 1345 6.53 -34.36 36.45
N ASN A 1346 5.27 -34.00 36.19
CA ASN A 1346 4.30 -34.96 35.69
C ASN A 1346 4.67 -35.46 34.29
N PHE A 1347 4.98 -34.54 33.39
CA PHE A 1347 5.24 -34.86 31.98
C PHE A 1347 3.99 -35.57 31.45
N VAL A 1348 4.13 -36.68 30.73
CA VAL A 1348 3.01 -37.47 30.22
C VAL A 1348 2.03 -36.54 29.48
N PHE A 1349 2.46 -36.05 28.32
CA PHE A 1349 1.62 -35.18 27.50
C PHE A 1349 0.94 -35.92 26.36
N SER A 1350 0.59 -37.20 26.55
CA SER A 1350 -0.14 -37.97 25.56
C SER A 1350 -1.60 -38.17 25.93
N ASN A 1351 -1.93 -38.16 27.21
CA ASN A 1351 -3.30 -38.40 27.67
C ASN A 1351 -4.09 -37.11 27.80
N LEU A 1352 -4.12 -36.32 26.72
CA LEU A 1352 -4.86 -35.06 26.71
C LEU A 1352 -6.29 -35.35 26.28
N ASN A 1353 -7.14 -35.64 27.26
CA ASN A 1353 -8.56 -35.84 27.01
C ASN A 1353 -9.28 -34.49 27.17
N LYS A 1354 -10.61 -34.52 27.05
CA LYS A 1354 -11.37 -33.29 26.83
C LYS A 1354 -11.17 -32.28 27.95
N GLU A 1355 -11.22 -32.75 29.21
CA GLU A 1355 -11.10 -31.82 30.33
C GLU A 1355 -9.71 -31.19 30.39
N LYS A 1356 -8.68 -31.87 29.87
CA LYS A 1356 -7.35 -31.29 29.85
C LYS A 1356 -7.26 -30.13 28.87
N ILE A 1357 -7.75 -30.32 27.64
CA ILE A 1357 -7.73 -29.22 26.68
C ILE A 1357 -8.66 -28.11 27.12
N SER A 1358 -9.73 -28.43 27.85
CA SER A 1358 -10.63 -27.39 28.33
C SER A 1358 -9.97 -26.43 29.30
N ARG A 1359 -8.79 -26.77 29.82
CA ARG A 1359 -8.09 -25.94 30.79
C ARG A 1359 -6.86 -25.25 30.19
N ILE A 1360 -6.75 -25.22 28.86
CA ILE A 1360 -5.63 -24.55 28.20
C ILE A 1360 -6.01 -23.11 27.95
N TYR A 1361 -5.15 -22.18 28.39
CA TYR A 1361 -5.41 -20.75 28.25
C TYR A 1361 -4.29 -20.12 27.45
N LYS A 1362 -4.61 -19.01 26.78
CA LYS A 1362 -3.69 -18.34 25.88
C LYS A 1362 -3.36 -16.96 26.39
N VAL A 1363 -2.09 -16.58 26.32
CA VAL A 1363 -1.66 -15.27 26.76
C VAL A 1363 -2.10 -14.23 25.74
N GLU A 1364 -2.71 -13.16 26.22
CA GLU A 1364 -3.23 -12.15 25.32
C GLU A 1364 -2.53 -10.82 25.45
N LYS A 1365 -2.41 -10.32 26.66
CA LYS A 1365 -1.68 -9.08 26.87
C LYS A 1365 -1.12 -9.07 28.27
N THR A 1366 -0.11 -8.22 28.48
CA THR A 1366 0.53 -8.12 29.78
C THR A 1366 0.98 -6.68 30.01
N SER A 1367 0.94 -6.28 31.27
CA SER A 1367 1.40 -4.95 31.67
C SER A 1367 1.63 -4.96 33.17
N GLY A 1368 2.76 -4.39 33.59
CA GLY A 1368 3.08 -4.39 35.01
C GLY A 1368 3.16 -5.80 35.54
N THR A 1369 2.39 -6.08 36.59
CA THR A 1369 2.33 -7.41 37.19
C THR A 1369 1.06 -8.16 36.80
N GLU A 1370 0.46 -7.81 35.66
CA GLU A 1370 -0.79 -8.40 35.21
C GLU A 1370 -0.53 -9.19 33.93
N CYS A 1371 -1.05 -10.42 33.89
CA CYS A 1371 -0.99 -11.25 32.70
C CYS A 1371 -2.40 -11.75 32.42
N TYR A 1372 -2.99 -11.25 31.32
CA TYR A 1372 -4.37 -11.57 30.98
C TYR A 1372 -4.42 -12.75 30.03
N PHE A 1373 -5.44 -13.59 30.20
CA PHE A 1373 -5.57 -14.83 29.46
C PHE A 1373 -6.96 -14.95 28.86
N VAL A 1374 -7.03 -15.61 27.71
CA VAL A 1374 -8.28 -16.04 27.10
C VAL A 1374 -8.14 -17.52 26.77
N ARG A 1375 -9.18 -18.30 27.05
CA ARG A 1375 -9.15 -19.71 26.74
C ARG A 1375 -8.88 -19.91 25.25
N GLN A 1376 -8.05 -20.91 24.94
CA GLN A 1376 -7.53 -21.04 23.58
C GLN A 1376 -8.63 -21.22 22.55
N ASP A 1377 -9.73 -21.87 22.92
CA ASP A 1377 -10.81 -22.07 21.97
C ASP A 1377 -11.51 -20.76 21.62
N ILE A 1378 -11.62 -19.84 22.58
CA ILE A 1378 -12.41 -18.63 22.38
C ILE A 1378 -11.78 -17.78 21.29
N ALA A 1379 -12.61 -17.34 20.34
CA ALA A 1379 -12.17 -16.41 19.29
C ALA A 1379 -12.83 -15.05 19.46
N TYR A 1380 -14.16 -14.99 19.46
CA TYR A 1380 -14.91 -13.76 19.63
C TYR A 1380 -15.88 -13.91 20.78
N LEU A 1381 -16.09 -12.82 21.51
CA LEU A 1381 -16.93 -12.86 22.70
C LEU A 1381 -18.41 -12.88 22.31
N ILE A 1382 -19.22 -13.53 23.14
CA ILE A 1382 -20.66 -13.51 22.95
C ILE A 1382 -21.18 -12.08 23.04
N LYS A 1383 -20.71 -11.34 24.04
CA LYS A 1383 -21.02 -9.92 24.16
C LYS A 1383 -19.78 -9.21 24.67
N GLN A 1384 -19.26 -8.28 23.87
CA GLN A 1384 -18.15 -7.46 24.33
C GLN A 1384 -18.62 -6.52 25.42
N TYR A 1385 -17.73 -6.21 26.35
CA TYR A 1385 -18.06 -5.34 27.47
C TYR A 1385 -18.39 -3.94 26.97
N ASP A 1386 -19.43 -3.34 27.54
CA ASP A 1386 -19.81 -1.96 27.25
C ASP A 1386 -19.93 -1.21 28.57
N ALA A 1387 -19.47 0.04 28.57
CA ALA A 1387 -19.49 0.85 29.79
C ALA A 1387 -20.91 1.17 30.25
N LYS A 1388 -21.90 1.03 29.37
CA LYS A 1388 -23.28 1.33 29.75
C LYS A 1388 -23.90 0.19 30.55
N THR A 1389 -24.00 -0.99 29.94
CA THR A 1389 -24.60 -2.13 30.64
C THR A 1389 -23.65 -2.69 31.69
N LYS A 1390 -22.34 -2.49 31.50
CA LYS A 1390 -21.32 -2.97 32.42
C LYS A 1390 -21.39 -4.49 32.59
N ILE A 1391 -21.64 -5.20 31.49
CA ILE A 1391 -21.60 -6.66 31.49
C ILE A 1391 -20.79 -7.12 30.28
N GLY A 1392 -20.24 -8.32 30.39
CA GLY A 1392 -19.46 -8.91 29.33
C GLY A 1392 -19.11 -10.33 29.66
N GLU A 1393 -18.68 -11.08 28.68
CA GLU A 1393 -18.36 -12.46 28.95
C GLU A 1393 -17.14 -12.51 29.85
N LEU A 1394 -16.11 -11.74 29.54
CA LEU A 1394 -14.87 -11.73 30.31
C LEU A 1394 -14.62 -10.37 30.94
N GLU A 1395 -15.67 -9.80 31.53
CA GLU A 1395 -15.59 -8.54 32.27
C GLU A 1395 -15.08 -7.40 31.39
N SER A 1396 -14.49 -6.39 32.04
CA SER A 1396 -14.17 -5.15 31.32
C SER A 1396 -13.11 -5.36 30.25
N GLN A 1397 -12.09 -6.17 30.54
CA GLN A 1397 -10.97 -6.31 29.62
C GLN A 1397 -11.24 -7.28 28.48
N ASN A 1398 -12.37 -7.98 28.48
CA ASN A 1398 -12.66 -9.05 27.53
C ASN A 1398 -11.64 -10.18 27.62
N LYS A 1399 -10.93 -10.26 28.75
CA LYS A 1399 -9.92 -11.26 29.03
C LYS A 1399 -9.62 -11.23 30.51
N LEU A 1400 -9.50 -12.40 31.13
CA LEU A 1400 -9.44 -12.53 32.57
C LEU A 1400 -8.06 -12.99 33.02
N GLN A 1401 -7.65 -12.51 34.19
CA GLN A 1401 -6.45 -13.00 34.85
C GLN A 1401 -6.68 -14.34 35.54
N VAL A 1402 -7.92 -14.82 35.57
CA VAL A 1402 -8.28 -16.05 36.26
C VAL A 1402 -9.00 -16.97 35.29
N THR A 1403 -9.22 -18.20 35.74
CA THR A 1403 -9.94 -19.18 34.93
C THR A 1403 -11.42 -18.79 34.81
N MET A 1404 -12.03 -19.23 33.71
CA MET A 1404 -13.44 -18.94 33.49
C MET A 1404 -14.34 -19.72 34.43
N THR A 1405 -13.89 -20.88 34.91
CA THR A 1405 -14.73 -21.75 35.70
C THR A 1405 -15.01 -21.13 37.08
N ASP A 1406 -15.76 -21.87 37.89
CA ASP A 1406 -16.16 -21.36 39.20
C ASP A 1406 -15.01 -21.30 40.19
N ASP A 1407 -13.94 -22.06 39.95
CA ASP A 1407 -12.80 -22.05 40.87
C ASP A 1407 -12.15 -20.67 40.93
N ARG A 1408 -11.98 -20.02 39.79
CA ARG A 1408 -11.47 -18.66 39.70
C ARG A 1408 -10.11 -18.53 40.40
N ILE A 1409 -9.13 -19.24 39.87
CA ILE A 1409 -7.78 -19.25 40.42
C ILE A 1409 -6.85 -18.51 39.49
N ARG A 1410 -5.88 -17.82 40.07
CA ARG A 1410 -4.87 -17.13 39.28
C ARG A 1410 -4.10 -18.14 38.45
N ILE A 1411 -3.97 -17.86 37.15
CA ILE A 1411 -3.31 -18.79 36.26
C ILE A 1411 -1.82 -18.82 36.50
N THR A 1412 -1.19 -17.65 36.65
CA THR A 1412 0.25 -17.59 36.80
C THR A 1412 0.75 -18.26 38.07
N ASP A 1413 -0.14 -18.50 39.04
CA ASP A 1413 0.27 -19.16 40.26
C ASP A 1413 0.63 -20.62 40.03
N THR A 1414 0.01 -21.27 39.05
CA THR A 1414 0.27 -22.69 38.78
C THR A 1414 0.36 -23.00 37.30
N CYS A 1415 0.58 -22.01 36.46
CA CYS A 1415 0.62 -22.25 35.02
C CYS A 1415 1.87 -23.05 34.64
N VAL A 1416 1.70 -23.98 33.70
CA VAL A 1416 2.81 -24.74 33.13
C VAL A 1416 2.72 -24.61 31.61
N LYS A 1417 3.83 -24.27 30.98
CA LYS A 1417 3.80 -24.02 29.54
C LYS A 1417 3.86 -25.26 28.67
N ILE A 1418 3.02 -25.31 27.65
CA ILE A 1418 2.98 -26.39 26.68
C ILE A 1418 3.45 -25.84 25.36
N ASN A 1419 4.09 -26.69 24.57
CA ASN A 1419 4.65 -26.29 23.28
C ASN A 1419 3.86 -26.94 22.16
N CYS A 1420 3.39 -26.13 21.22
CA CYS A 1420 2.55 -26.60 20.13
C CYS A 1420 3.24 -26.33 18.80
N ASP A 1421 3.26 -27.34 17.94
CA ASP A 1421 3.77 -27.18 16.59
C ASP A 1421 2.68 -26.57 15.71
N ARG A 1422 2.91 -26.56 14.39
CA ARG A 1422 1.91 -26.02 13.48
C ARG A 1422 0.65 -26.87 13.45
N LEU A 1423 0.75 -28.15 13.81
CA LEU A 1423 -0.41 -29.03 13.82
C LEU A 1423 -1.09 -29.10 15.19
N GLY A 1424 -0.62 -28.34 16.17
CA GLY A 1424 -1.26 -28.32 17.47
C GLY A 1424 -0.97 -29.50 18.36
N ASN A 1425 0.05 -30.29 18.03
CA ASN A 1425 0.47 -31.37 18.90
C ASN A 1425 1.36 -30.83 20.02
N ILE A 1426 1.38 -31.54 21.13
CA ILE A 1426 2.15 -31.10 22.28
C ILE A 1426 3.61 -31.50 22.09
N ASN A 1427 4.50 -30.52 22.11
CA ASN A 1427 5.94 -30.77 21.97
C ASN A 1427 6.58 -30.84 23.35
N PHE A 1428 6.31 -31.95 24.02
CA PHE A 1428 6.85 -32.19 25.35
C PHE A 1428 8.36 -32.34 25.32
#